data_8B63
#
_entry.id   8B63
#
_cell.length_a   41.762
_cell.length_b   109.963
_cell.length_c   94.326
_cell.angle_alpha   90.00
_cell.angle_beta   90.22
_cell.angle_gamma   90.00
#
_symmetry.space_group_name_H-M   'P 1 21 1'
#
loop_
_entity.id
_entity.type
_entity.pdbx_description
1 polymer 'UDP-glucose:(Heptosyl) LPS alpha 1,3-glucosyltransferase WaaG'
2 non-polymer URIDINE-DIPHOSPHATE-N-ACETYLGALACTOSAMINE
3 non-polymer 'ACETATE ION'
4 non-polymer "URIDINE-5'-DIPHOSPHATE"
5 water water
#
_entity_poly.entity_id   1
_entity_poly.type   'polypeptide(L)'
_entity_poly.pdbx_seq_one_letter_code
;MATLAFILYKYFPFGGLQRDFMRIALECQRRGHDIRVYTLIWEGDVPDGFEVLVAPVRSIFNHRRNEKFTAWVRADLDRR
PVQRVIGFNKMPGLDVYYAADACFEEKAQTLRNPLYRQWGRYRHFAGYERAVFDPASKTEILMISEVQQPLFVKHYGTQA
ERFHLLPPGISQDRRAPANAADVRAEFRREFGLEEDDLLLVQIGSGFKTKGLDRSLKALSALPKALRRRTRLIAIGQDDP
KPFLLQIAALGLNDQVQILKGRSDIPRFLLGADLLIHPAYNENTGTVLLEALVSGLPVLVTDVCGYAHYIAEADAGRVLP
SPFEQDSLNRLLAEMLEDAPARAAWSRNGLAYADHADLYSMPQRAADLILG
;
_entity_poly.pdbx_strand_id   A,B
#
# COMPACT_ATOMS: atom_id res chain seq x y z
N MET A 1 1.79 -18.63 14.07
CA MET A 1 1.34 -17.28 13.59
C MET A 1 2.52 -16.60 12.88
N ALA A 2 2.17 -15.77 11.88
CA ALA A 2 3.11 -15.05 11.05
C ALA A 2 3.08 -13.55 11.40
N THR A 3 2.23 -13.17 12.36
CA THR A 3 2.09 -11.78 12.75
C THR A 3 3.42 -11.26 13.29
N LEU A 4 3.73 -10.04 12.87
CA LEU A 4 4.84 -9.31 13.43
C LEU A 4 4.24 -8.15 14.21
N ALA A 5 4.70 -7.95 15.46
CA ALA A 5 4.26 -6.77 16.19
C ALA A 5 5.33 -5.69 16.12
N PHE A 6 4.88 -4.49 15.71
CA PHE A 6 5.69 -3.30 15.61
C PHE A 6 5.23 -2.26 16.62
N ILE A 7 6.19 -1.71 17.37
CA ILE A 7 5.84 -0.86 18.47
C ILE A 7 6.58 0.45 18.28
N LEU A 8 5.80 1.52 18.32
CA LEU A 8 6.32 2.87 18.33
C LEU A 8 5.30 3.77 19.05
N TYR A 9 5.81 4.72 19.83
CA TYR A 9 4.98 5.62 20.60
C TYR A 9 4.10 6.48 19.69
N LYS A 10 4.66 6.98 18.59
CA LYS A 10 3.95 7.91 17.72
C LYS A 10 4.13 7.50 16.25
N TYR A 11 3.02 7.33 15.54
CA TYR A 11 3.07 7.26 14.09
C TYR A 11 2.46 8.54 13.52
N PHE A 12 3.20 9.16 12.64
CA PHE A 12 2.66 10.21 11.81
C PHE A 12 3.53 10.23 10.57
N PRO A 13 3.04 10.71 9.41
CA PRO A 13 3.72 10.47 8.13
C PRO A 13 5.03 11.25 7.92
N PHE A 14 5.31 12.24 8.78
CA PHE A 14 6.31 13.25 8.50
C PHE A 14 7.46 13.20 9.49
N GLY A 15 7.85 12.00 9.91
CA GLY A 15 9.07 11.83 10.69
C GLY A 15 9.95 10.70 10.16
N GLY A 16 11.25 10.74 10.51
CA GLY A 16 12.24 9.77 10.08
C GLY A 16 11.97 8.37 10.62
N LEU A 17 11.86 8.27 11.96
CA LEU A 17 11.48 7.04 12.65
C LEU A 17 10.22 6.45 12.02
N GLN A 18 9.21 7.30 11.79
CA GLN A 18 7.91 6.82 11.36
C GLN A 18 7.97 6.26 9.93
N ARG A 19 8.74 6.91 9.06
CA ARG A 19 8.82 6.51 7.65
C ARG A 19 9.66 5.22 7.52
N ASP A 20 10.75 5.11 8.31
CA ASP A 20 11.56 3.90 8.34
C ASP A 20 10.70 2.71 8.75
N PHE A 21 9.92 2.87 9.84
CA PHE A 21 8.98 1.86 10.32
C PHE A 21 7.98 1.48 9.23
N MET A 22 7.33 2.48 8.62
CA MET A 22 6.33 2.19 7.60
C MET A 22 6.98 1.27 6.54
N ARG A 23 8.15 1.66 6.05
CA ARG A 23 8.80 0.96 4.93
C ARG A 23 9.27 -0.46 5.32
N ILE A 24 9.75 -0.65 6.57
CA ILE A 24 10.16 -1.97 7.01
C ILE A 24 8.92 -2.86 7.06
N ALA A 25 7.84 -2.28 7.58
CA ALA A 25 6.62 -3.01 7.86
C ALA A 25 5.98 -3.47 6.54
N LEU A 26 5.89 -2.57 5.57
CA LEU A 26 5.41 -2.91 4.23
C LEU A 26 6.26 -4.02 3.61
N GLU A 27 7.57 -4.02 3.84
CA GLU A 27 8.43 -5.02 3.21
C GLU A 27 8.12 -6.39 3.84
N CYS A 28 8.02 -6.43 5.17
CA CYS A 28 7.72 -7.65 5.90
C CYS A 28 6.33 -8.16 5.49
N GLN A 29 5.36 -7.24 5.32
CA GLN A 29 4.02 -7.58 4.88
C GLN A 29 4.05 -8.28 3.52
N ARG A 30 4.88 -7.75 2.62
CA ARG A 30 4.91 -8.23 1.25
C ARG A 30 5.55 -9.62 1.20
N ARG A 31 6.31 -9.98 2.23
CA ARG A 31 6.87 -11.32 2.32
C ARG A 31 5.96 -12.30 3.08
N GLY A 32 4.68 -11.93 3.31
CA GLY A 32 3.65 -12.85 3.82
C GLY A 32 3.34 -12.71 5.33
N HIS A 33 3.59 -11.53 5.93
CA HIS A 33 3.33 -11.34 7.37
C HIS A 33 2.25 -10.29 7.59
N ASP A 34 1.23 -10.62 8.42
CA ASP A 34 0.25 -9.65 8.85
C ASP A 34 0.89 -8.71 9.87
N ILE A 35 0.43 -7.47 9.88
CA ILE A 35 1.08 -6.39 10.59
C ILE A 35 0.16 -5.87 11.68
N ARG A 36 0.62 -5.97 12.93
CA ARG A 36 -0.05 -5.38 14.07
C ARG A 36 0.86 -4.27 14.59
N VAL A 37 0.26 -3.15 15.03
CA VAL A 37 1.03 -2.00 15.47
C VAL A 37 0.51 -1.62 16.84
N TYR A 38 1.41 -1.36 17.81
CA TYR A 38 1.02 -0.76 19.07
C TYR A 38 1.61 0.66 19.15
N THR A 39 0.81 1.64 19.54
CA THR A 39 1.22 3.02 19.49
C THR A 39 0.32 3.80 20.44
N LEU A 40 0.77 4.98 20.86
CA LEU A 40 -0.04 5.89 21.66
C LEU A 40 -0.85 6.80 20.75
N ILE A 41 -0.40 7.02 19.50
CA ILE A 41 -1.17 7.81 18.54
C ILE A 41 -0.78 7.40 17.13
N TRP A 42 -1.76 7.54 16.23
CA TRP A 42 -1.63 7.22 14.84
C TRP A 42 -2.34 8.32 14.08
N GLU A 43 -1.56 9.13 13.34
CA GLU A 43 -2.03 10.19 12.46
C GLU A 43 -1.71 9.77 11.03
N GLY A 44 -2.67 9.98 10.11
CA GLY A 44 -2.46 9.69 8.69
C GLY A 44 -3.10 8.37 8.28
N ASP A 45 -2.98 8.00 7.00
CA ASP A 45 -3.71 6.86 6.48
C ASP A 45 -3.17 5.56 7.05
N VAL A 46 -4.05 4.56 7.11
CA VAL A 46 -3.75 3.26 7.64
C VAL A 46 -3.66 2.29 6.47
N PRO A 47 -2.46 1.80 6.16
CA PRO A 47 -2.27 0.91 5.00
C PRO A 47 -3.10 -0.36 5.13
N ASP A 48 -3.51 -0.92 3.98
CA ASP A 48 -4.33 -2.13 3.95
C ASP A 48 -3.66 -3.25 4.78
N GLY A 49 -4.41 -3.94 5.65
CA GLY A 49 -3.94 -5.12 6.33
C GLY A 49 -3.23 -4.83 7.65
N PHE A 50 -3.06 -3.53 7.99
CA PHE A 50 -2.37 -3.13 9.21
C PHE A 50 -3.39 -3.01 10.35
N GLU A 51 -3.22 -3.83 11.41
CA GLU A 51 -4.01 -3.73 12.63
C GLU A 51 -3.32 -2.76 13.59
N VAL A 52 -3.85 -1.54 13.71
CA VAL A 52 -3.30 -0.50 14.57
C VAL A 52 -4.11 -0.50 15.87
N LEU A 53 -3.39 -0.63 17.01
CA LEU A 53 -3.94 -0.57 18.36
C LEU A 53 -3.41 0.70 19.03
N VAL A 54 -4.32 1.62 19.33
CA VAL A 54 -4.02 2.87 19.99
C VAL A 54 -4.34 2.67 21.46
N ALA A 55 -3.29 2.64 22.30
CA ALA A 55 -3.39 2.27 23.70
C ALA A 55 -4.14 3.36 24.49
N PRO A 56 -5.06 2.98 25.40
CA PRO A 56 -5.80 3.97 26.20
C PRO A 56 -5.14 4.47 27.49
N VAL A 57 -3.85 4.27 27.65
CA VAL A 57 -3.17 4.66 28.87
C VAL A 57 -3.00 6.18 28.93
N ARG A 58 -2.90 6.70 30.16
CA ARG A 58 -2.85 8.12 30.44
C ARG A 58 -1.97 8.33 31.67
N SER A 59 -1.14 9.40 31.66
CA SER A 59 -0.45 9.95 32.82
C SER A 59 -0.05 11.40 32.57
N ILE A 60 0.20 12.17 33.64
CA ILE A 60 0.65 13.54 33.44
C ILE A 60 2.06 13.54 32.85
N PHE A 61 2.88 12.57 33.26
CA PHE A 61 4.26 12.48 32.82
C PHE A 61 4.34 11.48 31.67
N ASN A 62 5.03 11.90 30.59
CA ASN A 62 5.25 11.06 29.42
C ASN A 62 5.89 9.73 29.80
N HIS A 63 6.93 9.82 30.64
CA HIS A 63 7.73 8.66 31.01
C HIS A 63 6.88 7.59 31.69
N ARG A 64 5.88 8.01 32.48
CA ARG A 64 5.00 7.09 33.18
C ARG A 64 3.94 6.52 32.22
N ARG A 65 3.39 7.38 31.35
CA ARG A 65 2.53 6.92 30.27
C ARG A 65 3.23 5.81 29.49
N ASN A 66 4.55 5.94 29.33
CA ASN A 66 5.29 4.97 28.56
C ASN A 66 5.31 3.60 29.26
N GLU A 67 5.44 3.64 30.58
CA GLU A 67 5.49 2.44 31.38
C GLU A 67 4.13 1.78 31.41
N LYS A 68 3.06 2.59 31.44
CA LYS A 68 1.73 1.99 31.36
C LYS A 68 1.54 1.40 29.96
N PHE A 69 2.13 2.05 28.95
CA PHE A 69 2.02 1.55 27.60
C PHE A 69 2.61 0.14 27.53
N THR A 70 3.81 -0.03 28.08
CA THR A 70 4.49 -1.32 28.01
C THR A 70 3.61 -2.40 28.62
N ALA A 71 2.95 -2.10 29.76
CA ALA A 71 2.15 -3.08 30.47
C ALA A 71 0.92 -3.44 29.64
N TRP A 72 0.25 -2.40 29.10
CA TRP A 72 -0.88 -2.58 28.19
C TRP A 72 -0.48 -3.50 27.03
N VAL A 73 0.65 -3.22 26.38
CA VAL A 73 1.09 -3.99 25.23
C VAL A 73 1.35 -5.44 25.63
N ARG A 74 2.16 -5.66 26.69
CA ARG A 74 2.51 -7.01 27.10
C ARG A 74 1.24 -7.81 27.43
N ALA A 75 0.20 -7.16 27.98
CA ALA A 75 -1.04 -7.87 28.30
C ALA A 75 -1.73 -8.34 27.02
N ASP A 76 -1.72 -7.51 25.98
CA ASP A 76 -2.35 -7.89 24.72
C ASP A 76 -1.58 -9.04 24.09
N LEU A 77 -0.25 -8.94 24.19
CA LEU A 77 0.64 -9.88 23.53
C LEU A 77 0.55 -11.27 24.14
N ASP A 78 0.40 -11.35 25.48
CA ASP A 78 0.38 -12.61 26.19
C ASP A 78 -0.94 -13.32 25.93
N ARG A 79 -2.01 -12.56 25.65
CA ARG A 79 -3.26 -13.16 25.24
C ARG A 79 -3.30 -13.44 23.73
N ARG A 80 -2.52 -12.69 22.93
CA ARG A 80 -2.55 -12.83 21.48
C ARG A 80 -1.10 -12.89 20.99
N PRO A 81 -0.43 -14.06 21.04
CA PRO A 81 0.98 -14.18 20.64
C PRO A 81 1.31 -13.83 19.18
N VAL A 82 2.56 -13.41 18.93
CA VAL A 82 3.03 -13.02 17.61
C VAL A 82 4.30 -13.79 17.25
N GLN A 83 4.75 -13.72 15.99
CA GLN A 83 5.99 -14.34 15.57
C GLN A 83 7.18 -13.57 16.15
N ARG A 84 7.15 -12.22 16.08
CA ARG A 84 8.29 -11.45 16.54
C ARG A 84 7.81 -10.05 16.89
N VAL A 85 8.51 -9.43 17.83
CA VAL A 85 8.22 -8.09 18.31
C VAL A 85 9.38 -7.16 17.97
N ILE A 86 9.04 -6.13 17.20
CA ILE A 86 10.01 -5.16 16.73
C ILE A 86 9.62 -3.77 17.23
N GLY A 87 10.50 -3.13 18.01
CA GLY A 87 10.25 -1.78 18.52
C GLY A 87 11.10 -0.72 17.83
N PHE A 88 10.54 0.48 17.71
CA PHE A 88 11.26 1.63 17.20
C PHE A 88 11.52 2.62 18.35
N ASN A 89 11.08 2.26 19.58
CA ASN A 89 11.54 2.93 20.79
C ASN A 89 12.05 1.89 21.77
N LYS A 90 12.95 2.33 22.66
CA LYS A 90 13.57 1.45 23.62
C LYS A 90 12.59 1.21 24.77
N MET A 91 12.28 -0.07 24.94
CA MET A 91 11.50 -0.59 26.04
C MET A 91 11.85 -2.07 26.25
N PRO A 92 11.35 -2.70 27.34
CA PRO A 92 11.44 -4.15 27.55
C PRO A 92 10.54 -4.94 26.62
N GLY A 93 10.83 -6.24 26.47
CA GLY A 93 9.99 -7.14 25.67
C GLY A 93 10.22 -7.09 24.14
N LEU A 94 11.29 -6.40 23.68
CA LEU A 94 11.65 -6.37 22.26
C LEU A 94 12.55 -7.55 21.85
N ASP A 95 12.16 -8.25 20.77
CA ASP A 95 13.05 -9.18 20.09
C ASP A 95 14.09 -8.42 19.24
N VAL A 96 13.60 -7.31 18.62
CA VAL A 96 14.36 -6.45 17.76
C VAL A 96 14.09 -5.00 18.17
N TYR A 97 15.16 -4.18 18.28
CA TYR A 97 15.10 -2.73 18.43
C TYR A 97 15.83 -2.05 17.25
N TYR A 98 15.11 -1.18 16.53
CA TYR A 98 15.62 -0.32 15.48
C TYR A 98 15.99 1.02 16.12
N ALA A 99 17.28 1.37 16.08
CA ALA A 99 17.80 2.47 16.86
C ALA A 99 17.62 3.79 16.10
N ALA A 100 16.38 4.28 16.08
CA ALA A 100 16.10 5.57 15.47
C ALA A 100 16.50 6.70 16.42
N ASP A 101 16.98 6.36 17.62
CA ASP A 101 17.48 7.36 18.55
C ASP A 101 18.93 7.09 18.89
N ALA A 102 19.61 8.16 19.29
CA ALA A 102 20.96 8.11 19.83
C ALA A 102 20.96 7.50 21.24
N CYS A 103 22.18 7.33 21.78
CA CYS A 103 22.36 6.81 23.14
C CYS A 103 21.98 7.88 24.16
N PHE A 104 20.94 7.57 24.94
CA PHE A 104 20.43 8.44 25.99
C PHE A 104 21.48 8.65 27.09
N GLU A 105 22.02 7.56 27.63
CA GLU A 105 22.90 7.66 28.79
C GLU A 105 24.05 8.60 28.45
N GLU A 106 24.58 8.49 27.21
CA GLU A 106 25.62 9.38 26.73
C GLU A 106 25.14 10.83 26.70
N LYS A 107 23.91 11.06 26.22
CA LYS A 107 23.31 12.39 26.18
C LYS A 107 23.03 12.94 27.57
N ALA A 108 22.91 12.08 28.60
CA ALA A 108 22.63 12.54 29.96
C ALA A 108 23.88 13.09 30.64
N GLN A 109 24.92 13.42 29.85
CA GLN A 109 26.12 14.06 30.36
C GLN A 109 26.60 15.06 29.30
N THR A 110 25.93 16.22 29.26
CA THR A 110 25.98 17.14 28.13
C THR A 110 25.93 18.59 28.64
N ARG A 117 20.33 11.98 38.08
CA ARG A 117 20.51 10.80 38.97
C ARG A 117 19.15 10.35 39.52
N GLN A 118 18.45 11.29 40.19
CA GLN A 118 17.25 11.03 40.98
C GLN A 118 15.96 11.28 40.20
N TRP A 119 15.94 12.25 39.25
CA TRP A 119 14.75 12.60 38.47
C TRP A 119 14.16 11.35 37.83
N GLY A 120 12.84 11.22 37.93
CA GLY A 120 12.13 10.03 37.48
C GLY A 120 12.25 9.82 35.97
N ARG A 121 12.28 10.94 35.23
CA ARG A 121 12.49 10.98 33.80
C ARG A 121 13.79 10.25 33.43
N TYR A 122 14.92 10.70 34.00
CA TYR A 122 16.22 10.10 33.75
C TYR A 122 16.15 8.59 34.00
N ARG A 123 15.68 8.20 35.18
CA ARG A 123 15.71 6.81 35.61
C ARG A 123 14.91 5.94 34.65
N HIS A 124 13.79 6.44 34.18
CA HIS A 124 12.93 5.69 33.29
C HIS A 124 13.65 5.43 31.96
N PHE A 125 14.17 6.51 31.34
CA PHE A 125 14.68 6.41 30.00
C PHE A 125 15.96 5.56 30.05
N ALA A 126 16.77 5.73 31.11
CA ALA A 126 17.96 4.92 31.31
C ALA A 126 17.54 3.47 31.49
N GLY A 127 16.54 3.25 32.33
CA GLY A 127 16.10 1.89 32.61
C GLY A 127 15.54 1.22 31.36
N TYR A 128 14.85 1.95 30.47
CA TYR A 128 14.28 1.35 29.26
C TYR A 128 15.37 1.06 28.20
N GLU A 129 16.44 1.87 28.23
CA GLU A 129 17.57 1.67 27.33
C GLU A 129 18.38 0.44 27.74
N ARG A 130 18.66 0.30 29.04
CA ARG A 130 19.27 -0.91 29.57
C ARG A 130 18.42 -2.15 29.30
N ALA A 131 17.10 -2.00 29.29
CA ALA A 131 16.17 -3.10 28.99
C ALA A 131 16.49 -3.71 27.64
N VAL A 132 16.82 -2.85 26.67
CA VAL A 132 17.28 -3.31 25.36
C VAL A 132 18.73 -3.77 25.40
N PHE A 133 19.61 -2.89 25.89
CA PHE A 133 21.04 -2.99 25.62
C PHE A 133 21.79 -3.84 26.67
N ASP A 134 21.17 -4.20 27.80
CA ASP A 134 21.89 -4.95 28.82
C ASP A 134 22.38 -6.26 28.23
N PRO A 135 23.58 -6.77 28.66
CA PRO A 135 24.09 -8.09 28.23
C PRO A 135 23.19 -9.32 28.43
N ALA A 136 22.22 -9.20 29.37
CA ALA A 136 21.22 -10.23 29.63
C ALA A 136 19.99 -10.10 28.72
N SER A 137 19.68 -8.89 28.23
CA SER A 137 18.62 -8.80 27.24
C SER A 137 19.02 -9.61 26.00
N LYS A 138 18.04 -10.11 25.27
CA LYS A 138 18.27 -10.86 24.04
C LYS A 138 17.95 -10.02 22.80
N THR A 139 17.51 -8.78 22.99
CA THR A 139 17.11 -7.93 21.87
C THR A 139 18.25 -7.79 20.86
N GLU A 140 17.97 -8.04 19.57
CA GLU A 140 18.90 -7.69 18.49
C GLU A 140 18.68 -6.22 18.09
N ILE A 141 19.78 -5.53 17.80
CA ILE A 141 19.78 -4.10 17.53
C ILE A 141 20.11 -3.87 16.06
N LEU A 142 19.23 -3.14 15.35
CA LEU A 142 19.45 -2.70 13.99
C LEU A 142 20.00 -1.26 14.03
N MET A 143 21.26 -1.05 13.62
CA MET A 143 21.84 0.29 13.77
C MET A 143 21.76 1.04 12.43
N ILE A 144 21.59 2.38 12.47
CA ILE A 144 21.70 3.19 11.26
C ILE A 144 22.79 4.25 11.40
N SER A 145 23.11 4.66 12.63
CA SER A 145 24.29 5.49 12.87
C SER A 145 25.38 4.61 13.47
N GLU A 146 26.49 4.44 12.74
CA GLU A 146 27.59 3.60 13.21
C GLU A 146 28.24 4.15 14.48
N VAL A 147 28.37 5.48 14.53
CA VAL A 147 28.97 6.27 15.60
C VAL A 147 28.43 5.92 17.00
N GLN A 148 27.17 5.46 17.11
CA GLN A 148 26.52 5.32 18.40
C GLN A 148 26.82 3.95 19.02
N GLN A 149 27.15 2.94 18.20
CA GLN A 149 27.34 1.55 18.61
C GLN A 149 28.33 1.50 19.76
N PRO A 150 29.58 2.03 19.65
CA PRO A 150 30.51 2.11 20.78
C PRO A 150 30.08 2.88 22.05
N LEU A 151 29.17 3.84 21.90
CA LEU A 151 28.62 4.55 23.04
C LEU A 151 27.74 3.57 23.81
N PHE A 152 26.93 2.79 23.06
CA PHE A 152 26.08 1.78 23.67
C PHE A 152 26.93 0.75 24.42
N VAL A 153 28.00 0.22 23.76
CA VAL A 153 28.88 -0.74 24.41
C VAL A 153 29.58 -0.11 25.61
N LYS A 154 29.89 1.18 25.50
CA LYS A 154 30.50 1.85 26.63
C LYS A 154 29.56 1.79 27.83
N HIS A 155 28.27 2.09 27.65
CA HIS A 155 27.40 2.31 28.83
C HIS A 155 26.74 1.02 29.34
N TYR A 156 26.65 -0.02 28.51
CA TYR A 156 25.86 -1.19 28.87
C TYR A 156 26.68 -2.48 28.77
N GLY A 157 27.71 -2.50 27.90
CA GLY A 157 28.55 -3.68 27.68
C GLY A 157 27.85 -4.66 26.73
N THR A 158 27.02 -4.12 25.83
CA THR A 158 26.26 -4.94 24.89
C THR A 158 27.22 -5.76 24.02
N GLN A 159 26.85 -7.03 23.74
CA GLN A 159 27.71 -7.92 22.97
C GLN A 159 27.72 -7.50 21.50
N ALA A 160 28.92 -7.62 20.87
CA ALA A 160 29.10 -7.11 19.51
C ALA A 160 28.08 -7.72 18.52
N GLU A 161 27.87 -9.03 18.63
N GLU A 161 27.86 -9.03 18.63
CA GLU A 161 27.15 -9.83 17.64
CA GLU A 161 27.15 -9.80 17.61
C GLU A 161 25.66 -9.44 17.61
C GLU A 161 25.65 -9.47 17.62
N ARG A 162 25.23 -8.67 18.62
CA ARG A 162 23.83 -8.29 18.75
C ARG A 162 23.54 -7.10 17.87
N PHE A 163 24.57 -6.48 17.30
CA PHE A 163 24.39 -5.28 16.52
C PHE A 163 24.56 -5.63 15.04
N HIS A 164 23.84 -4.86 14.21
CA HIS A 164 23.80 -5.03 12.79
C HIS A 164 23.56 -3.67 12.20
N LEU A 165 24.58 -3.16 11.49
CA LEU A 165 24.56 -1.85 10.89
C LEU A 165 23.85 -1.93 9.55
N LEU A 166 22.86 -1.08 9.33
CA LEU A 166 22.11 -1.07 8.08
C LEU A 166 22.56 0.10 7.21
N PRO A 167 22.40 -0.02 5.86
CA PRO A 167 22.67 1.11 4.97
C PRO A 167 21.48 2.06 5.06
N PRO A 168 21.55 3.28 4.50
CA PRO A 168 20.38 4.17 4.49
C PRO A 168 19.15 3.61 3.75
N GLY A 169 18.01 4.25 3.98
CA GLY A 169 16.76 3.83 3.39
C GLY A 169 15.97 4.98 2.79
N ILE A 170 16.63 5.75 1.91
CA ILE A 170 16.03 6.90 1.24
C ILE A 170 15.02 6.39 0.21
N SER A 171 13.82 7.01 0.13
CA SER A 171 12.80 6.56 -0.81
C SER A 171 13.12 7.07 -2.22
N GLN A 172 12.76 6.22 -3.20
CA GLN A 172 13.02 6.45 -4.62
C GLN A 172 12.51 7.83 -5.03
N ASP A 173 11.41 8.28 -4.42
CA ASP A 173 10.74 9.46 -4.92
C ASP A 173 11.53 10.73 -4.57
N ARG A 174 12.52 10.65 -3.66
CA ARG A 174 13.33 11.83 -3.34
C ARG A 174 14.44 12.13 -4.37
N ARG A 175 14.76 11.15 -5.23
CA ARG A 175 15.81 11.27 -6.22
C ARG A 175 15.36 12.20 -7.33
N ALA A 176 16.21 13.14 -7.74
CA ALA A 176 15.86 14.01 -8.84
C ALA A 176 15.36 13.12 -9.97
N PRO A 177 14.15 13.39 -10.51
CA PRO A 177 13.60 12.63 -11.63
C PRO A 177 14.05 13.22 -12.95
N ALA A 178 13.50 12.63 -14.02
CA ALA A 178 13.78 12.99 -15.39
C ALA A 178 13.35 14.44 -15.65
N ASN A 179 12.24 14.88 -15.05
CA ASN A 179 11.75 16.25 -15.29
C ASN A 179 12.14 17.21 -14.16
N ALA A 180 13.35 17.08 -13.59
CA ALA A 180 13.78 17.90 -12.46
C ALA A 180 13.62 19.39 -12.70
N ALA A 181 14.00 19.87 -13.89
CA ALA A 181 14.01 21.31 -14.16
C ALA A 181 12.59 21.87 -14.17
N ASP A 182 11.64 21.07 -14.64
CA ASP A 182 10.23 21.42 -14.76
C ASP A 182 9.54 21.44 -13.38
N VAL A 183 9.84 20.46 -12.52
CA VAL A 183 9.39 20.47 -11.13
C VAL A 183 9.93 21.72 -10.44
N ARG A 184 11.22 22.04 -10.68
CA ARG A 184 11.96 23.13 -10.06
C ARG A 184 11.37 24.49 -10.45
N ALA A 185 11.16 24.66 -11.76
CA ALA A 185 10.62 25.89 -12.33
C ALA A 185 9.18 26.09 -11.88
N GLU A 186 8.37 25.03 -11.93
CA GLU A 186 6.99 25.07 -11.45
C GLU A 186 6.96 25.49 -9.97
N PHE A 187 7.78 24.84 -9.12
CA PHE A 187 7.84 25.19 -7.71
C PHE A 187 8.21 26.66 -7.49
N ARG A 188 9.21 27.17 -8.22
CA ARG A 188 9.75 28.49 -7.94
C ARG A 188 8.79 29.55 -8.48
N ARG A 189 8.09 29.22 -9.58
CA ARG A 189 6.96 30.04 -10.02
C ARG A 189 5.93 30.16 -8.90
N GLU A 190 5.50 29.01 -8.37
CA GLU A 190 4.48 29.04 -7.34
C GLU A 190 4.90 29.93 -6.16
N PHE A 191 6.12 29.78 -5.62
CA PHE A 191 6.47 30.50 -4.40
C PHE A 191 6.99 31.91 -4.75
N GLY A 192 7.05 32.27 -6.04
CA GLY A 192 7.51 33.60 -6.47
C GLY A 192 9.02 33.82 -6.37
N LEU A 193 9.80 32.78 -6.71
CA LEU A 193 11.25 32.88 -6.60
C LEU A 193 11.80 33.16 -8.00
N GLU A 194 12.55 34.26 -8.12
CA GLU A 194 13.26 34.61 -9.35
C GLU A 194 14.55 33.81 -9.50
N GLU A 195 15.22 33.97 -10.65
CA GLU A 195 16.48 33.28 -10.94
C GLU A 195 17.56 33.76 -9.98
N ASP A 196 17.51 35.04 -9.59
CA ASP A 196 18.48 35.58 -8.64
C ASP A 196 18.06 35.45 -7.19
N ASP A 197 16.89 34.86 -6.89
CA ASP A 197 16.55 34.58 -5.51
C ASP A 197 17.21 33.27 -5.06
N LEU A 198 17.52 33.23 -3.75
CA LEU A 198 18.18 32.08 -3.12
C LEU A 198 17.30 31.56 -1.98
N LEU A 199 16.85 30.31 -2.09
CA LEU A 199 16.00 29.72 -1.05
C LEU A 199 16.81 28.76 -0.15
N LEU A 200 16.88 29.06 1.14
CA LEU A 200 17.34 28.10 2.15
C LEU A 200 16.13 27.31 2.60
N VAL A 201 16.27 25.97 2.69
CA VAL A 201 15.22 25.17 3.30
C VAL A 201 15.75 24.43 4.51
N GLN A 202 14.89 24.36 5.55
CA GLN A 202 15.19 23.62 6.75
C GLN A 202 14.08 22.61 7.01
N ILE A 203 14.37 21.31 6.86
CA ILE A 203 13.31 20.31 6.81
C ILE A 203 13.42 19.33 7.99
N GLY A 204 12.30 19.19 8.72
CA GLY A 204 12.14 18.26 9.83
C GLY A 204 11.44 18.91 11.02
N SER A 205 10.52 18.17 11.63
CA SER A 205 9.98 18.56 12.93
C SER A 205 11.10 18.51 13.98
N GLY A 206 11.08 19.43 14.93
CA GLY A 206 12.16 19.51 15.91
C GLY A 206 13.08 20.67 15.59
N PHE A 207 12.48 21.80 15.22
CA PHE A 207 13.17 23.00 14.80
C PHE A 207 14.27 23.40 15.79
N LYS A 208 14.07 23.19 17.08
CA LYS A 208 15.03 23.71 18.04
C LYS A 208 16.28 22.86 18.02
N THR A 209 16.07 21.56 18.14
CA THR A 209 17.15 20.57 18.14
C THR A 209 17.92 20.60 16.82
N LYS A 210 17.24 20.92 15.70
CA LYS A 210 17.80 20.93 14.35
C LYS A 210 18.39 22.30 13.98
N GLY A 211 18.29 23.27 14.91
CA GLY A 211 19.08 24.48 14.90
C GLY A 211 18.47 25.60 14.09
N LEU A 212 17.12 25.72 14.08
CA LEU A 212 16.48 26.74 13.27
C LEU A 212 16.86 28.14 13.77
N ASP A 213 17.20 28.23 15.06
CA ASP A 213 17.61 29.48 15.69
C ASP A 213 18.95 29.95 15.09
N ARG A 214 19.84 28.98 14.82
CA ARG A 214 21.16 29.22 14.24
C ARG A 214 21.07 29.63 12.78
N SER A 215 20.30 28.87 11.98
CA SER A 215 19.96 29.19 10.61
C SER A 215 19.40 30.60 10.51
N LEU A 216 18.44 30.94 11.35
CA LEU A 216 17.85 32.27 11.36
C LEU A 216 18.93 33.31 11.67
N LYS A 217 19.80 33.03 12.63
CA LYS A 217 20.81 34.02 12.93
C LYS A 217 21.66 34.24 11.68
N ALA A 218 21.93 33.16 10.94
CA ALA A 218 22.90 33.19 9.86
C ALA A 218 22.32 33.91 8.62
N LEU A 219 20.99 33.78 8.41
CA LEU A 219 20.25 34.50 7.38
C LEU A 219 20.30 36.00 7.68
N SER A 220 20.22 36.31 8.97
CA SER A 220 20.24 37.67 9.45
C SER A 220 21.60 38.34 9.25
N ALA A 221 22.71 37.58 9.39
CA ALA A 221 24.10 38.05 9.35
C ALA A 221 24.72 38.07 7.95
N LEU A 222 23.99 37.60 6.93
CA LEU A 222 24.41 37.73 5.53
C LEU A 222 24.69 39.20 5.17
N PRO A 223 25.73 39.48 4.34
CA PRO A 223 25.90 40.79 3.69
C PRO A 223 24.66 41.31 2.97
N LYS A 224 24.45 42.63 3.04
CA LYS A 224 23.21 43.23 2.58
C LYS A 224 22.81 42.58 1.26
N ALA A 225 23.74 42.54 0.31
CA ALA A 225 23.47 42.14 -1.06
C ALA A 225 22.88 40.73 -1.16
N LEU A 226 23.41 39.77 -0.37
CA LEU A 226 22.90 38.39 -0.28
C LEU A 226 21.57 38.33 0.50
N ARG A 227 21.57 38.93 1.69
CA ARG A 227 20.45 38.93 2.61
C ARG A 227 19.17 39.39 1.92
N ARG A 228 19.30 40.40 1.04
CA ARG A 228 18.25 40.92 0.18
C ARG A 228 17.68 39.85 -0.76
N ARG A 229 18.54 38.94 -1.23
CA ARG A 229 18.17 37.93 -2.20
C ARG A 229 17.72 36.60 -1.56
N THR A 230 17.96 36.42 -0.24
CA THR A 230 17.81 35.14 0.45
C THR A 230 16.48 35.06 1.23
N ARG A 231 15.81 33.90 1.12
CA ARG A 231 14.73 33.61 2.04
C ARG A 231 14.86 32.17 2.56
N LEU A 232 14.18 31.91 3.70
CA LEU A 232 14.20 30.62 4.34
C LEU A 232 12.77 30.10 4.49
N ILE A 233 12.57 28.82 4.14
CA ILE A 233 11.35 28.10 4.47
C ILE A 233 11.68 26.91 5.36
N ALA A 234 11.10 26.90 6.57
CA ALA A 234 11.22 25.76 7.48
C ALA A 234 9.96 24.90 7.38
N ILE A 235 10.14 23.57 7.37
CA ILE A 235 9.02 22.64 7.19
C ILE A 235 9.00 21.62 8.32
N GLY A 236 7.92 21.69 9.10
CA GLY A 236 7.63 20.70 10.12
C GLY A 236 6.39 21.03 10.96
N GLN A 237 6.10 20.08 11.85
CA GLN A 237 4.94 20.04 12.73
C GLN A 237 5.08 20.91 13.96
N ASP A 238 6.28 21.37 14.29
CA ASP A 238 6.42 22.16 15.51
C ASP A 238 5.51 23.39 15.45
N ASP A 239 5.28 23.93 16.65
CA ASP A 239 4.69 25.22 16.85
C ASP A 239 5.70 26.24 16.32
N PRO A 240 5.29 27.17 15.42
CA PRO A 240 6.19 28.23 14.96
C PRO A 240 6.36 29.37 15.96
N LYS A 241 5.54 29.39 17.02
CA LYS A 241 5.33 30.56 17.84
C LYS A 241 6.67 31.06 18.41
N PRO A 242 7.50 30.24 19.10
CA PRO A 242 8.74 30.75 19.66
C PRO A 242 9.62 31.45 18.61
N PHE A 243 9.59 30.95 17.36
CA PHE A 243 10.51 31.40 16.30
C PHE A 243 10.03 32.68 15.65
N LEU A 244 8.72 32.96 15.74
CA LEU A 244 8.14 34.13 15.12
C LEU A 244 8.52 35.41 15.90
N LEU A 245 8.96 35.24 17.16
CA LEU A 245 9.55 36.33 17.95
C LEU A 245 10.97 36.65 17.45
N GLN A 246 11.77 35.60 17.15
CA GLN A 246 13.15 35.74 16.70
C GLN A 246 13.21 36.36 15.31
N ILE A 247 12.35 35.85 14.41
CA ILE A 247 12.23 36.33 13.04
C ILE A 247 11.98 37.83 13.05
N ALA A 248 11.02 38.26 13.89
CA ALA A 248 10.64 39.66 13.97
C ALA A 248 11.82 40.48 14.52
N ALA A 249 12.39 40.03 15.65
CA ALA A 249 13.49 40.71 16.33
C ALA A 249 14.74 40.87 15.45
N LEU A 250 14.90 39.98 14.45
CA LEU A 250 15.97 40.10 13.47
C LEU A 250 15.48 40.82 12.21
N GLY A 251 14.20 41.19 12.11
CA GLY A 251 13.68 41.90 10.95
C GLY A 251 13.37 40.99 9.76
N LEU A 252 13.20 39.68 10.01
CA LEU A 252 13.19 38.72 8.91
C LEU A 252 11.76 38.34 8.51
N ASN A 253 10.77 39.19 8.78
CA ASN A 253 9.37 38.77 8.65
C ASN A 253 9.03 38.40 7.20
N ASP A 254 9.48 39.25 6.24
CA ASP A 254 9.10 39.19 4.84
C ASP A 254 9.95 38.19 4.06
N GLN A 255 10.81 37.42 4.75
CA GLN A 255 11.69 36.50 4.04
C GLN A 255 11.81 35.15 4.74
N VAL A 256 10.94 34.88 5.73
CA VAL A 256 10.92 33.60 6.39
C VAL A 256 9.47 33.15 6.49
N GLN A 257 9.23 31.93 6.01
CA GLN A 257 7.97 31.23 6.16
C GLN A 257 8.18 29.90 6.86
N ILE A 258 7.31 29.56 7.79
CA ILE A 258 7.38 28.27 8.48
C ILE A 258 6.10 27.50 8.21
N LEU A 259 6.25 26.30 7.64
CA LEU A 259 5.15 25.53 7.12
C LEU A 259 5.02 24.26 7.96
N LYS A 260 3.80 23.71 7.95
CA LYS A 260 3.47 22.47 8.62
C LYS A 260 3.98 21.28 7.83
N GLY A 261 3.95 20.11 8.44
CA GLY A 261 4.36 18.90 7.76
C GLY A 261 3.66 18.74 6.41
N ARG A 262 4.40 18.32 5.38
CA ARG A 262 3.77 18.07 4.09
C ARG A 262 4.45 16.91 3.37
N SER A 263 3.76 16.43 2.34
CA SER A 263 4.19 15.21 1.69
C SER A 263 5.01 15.50 0.43
N ASP A 264 4.95 16.74 -0.10
CA ASP A 264 5.65 17.10 -1.32
C ASP A 264 7.04 17.70 -1.03
N ILE A 265 7.82 17.07 -0.12
CA ILE A 265 9.18 17.50 0.22
C ILE A 265 10.11 17.53 -0.99
N PRO A 266 10.12 16.51 -1.90
CA PRO A 266 10.94 16.54 -3.12
C PRO A 266 10.80 17.78 -4.01
N ARG A 267 9.62 18.40 -4.07
CA ARG A 267 9.43 19.64 -4.84
C ARG A 267 10.34 20.74 -4.27
N PHE A 268 10.39 20.82 -2.92
CA PHE A 268 11.19 21.80 -2.19
C PHE A 268 12.67 21.55 -2.37
N LEU A 269 13.05 20.28 -2.37
CA LEU A 269 14.44 19.89 -2.48
C LEU A 269 14.97 20.28 -3.85
N LEU A 270 14.11 20.18 -4.88
CA LEU A 270 14.41 20.56 -6.25
C LEU A 270 14.29 22.08 -6.44
N GLY A 271 13.38 22.75 -5.70
CA GLY A 271 13.13 24.17 -5.85
C GLY A 271 14.07 25.07 -5.04
N ALA A 272 14.79 24.48 -4.07
CA ALA A 272 15.62 25.22 -3.13
C ALA A 272 17.04 25.43 -3.67
N ASP A 273 17.82 26.27 -2.99
CA ASP A 273 19.19 26.51 -3.40
C ASP A 273 20.16 25.94 -2.36
N LEU A 274 19.69 25.75 -1.13
CA LEU A 274 20.54 25.12 -0.13
C LEU A 274 19.63 24.51 0.92
N LEU A 275 19.91 23.26 1.33
CA LEU A 275 19.43 22.76 2.61
C LEU A 275 20.35 23.24 3.72
N ILE A 276 19.77 23.91 4.74
CA ILE A 276 20.50 24.36 5.93
C ILE A 276 20.07 23.51 7.12
N HIS A 277 21.02 22.99 7.87
CA HIS A 277 20.66 22.00 8.86
C HIS A 277 21.67 22.04 9.97
N PRO A 278 21.76 23.17 10.72
CA PRO A 278 22.76 23.32 11.78
C PRO A 278 22.34 22.71 13.11
N ALA A 279 22.11 21.39 13.13
CA ALA A 279 21.47 20.79 14.31
C ALA A 279 22.43 20.83 15.50
N TYR A 280 21.82 20.90 16.69
CA TYR A 280 22.46 20.71 17.98
C TYR A 280 22.87 19.23 18.10
N ASN A 281 21.94 18.33 17.72
CA ASN A 281 22.24 16.89 17.66
C ASN A 281 21.19 16.17 16.81
N GLU A 282 21.54 14.97 16.33
CA GLU A 282 20.83 14.28 15.26
C GLU A 282 21.44 12.88 15.10
N ASN A 283 20.64 11.85 15.43
CA ASN A 283 21.09 10.48 15.28
C ASN A 283 21.70 10.26 13.90
N THR A 284 20.94 10.57 12.84
CA THR A 284 21.41 10.43 11.47
C THR A 284 21.08 11.67 10.67
N GLY A 285 19.82 11.80 10.24
CA GLY A 285 19.44 12.95 9.46
C GLY A 285 19.15 12.56 8.00
N THR A 286 18.00 11.92 7.81
CA THR A 286 17.52 11.46 6.52
C THR A 286 17.54 12.56 5.46
N VAL A 287 17.11 13.79 5.82
CA VAL A 287 16.92 14.87 4.86
C VAL A 287 18.28 15.30 4.30
N LEU A 288 19.39 14.97 4.99
CA LEU A 288 20.71 15.28 4.46
C LEU A 288 20.96 14.51 3.16
N LEU A 289 20.64 13.21 3.19
CA LEU A 289 20.75 12.37 2.00
C LEU A 289 19.66 12.69 0.97
N GLU A 290 18.47 13.09 1.42
CA GLU A 290 17.40 13.48 0.50
C GLU A 290 17.88 14.69 -0.33
N ALA A 291 18.43 15.74 0.30
CA ALA A 291 19.01 16.85 -0.43
C ALA A 291 20.02 16.31 -1.45
N LEU A 292 20.90 15.43 -0.99
CA LEU A 292 21.97 14.90 -1.81
C LEU A 292 21.40 14.23 -3.05
N VAL A 293 20.43 13.32 -2.88
CA VAL A 293 19.92 12.58 -4.02
C VAL A 293 18.99 13.45 -4.86
N SER A 294 18.68 14.68 -4.42
CA SER A 294 18.00 15.65 -5.25
C SER A 294 18.99 16.64 -5.92
N GLY A 295 20.29 16.51 -5.60
CA GLY A 295 21.26 17.52 -6.00
C GLY A 295 20.96 18.88 -5.40
N LEU A 296 20.56 18.86 -4.12
CA LEU A 296 20.50 20.08 -3.31
C LEU A 296 21.72 20.09 -2.41
N PRO A 297 22.57 21.13 -2.50
CA PRO A 297 23.72 21.26 -1.62
C PRO A 297 23.29 21.55 -0.18
N VAL A 298 24.07 21.02 0.74
CA VAL A 298 23.77 20.96 2.16
C VAL A 298 24.83 21.73 2.94
N LEU A 299 24.40 22.47 3.96
CA LEU A 299 25.24 23.05 5.00
C LEU A 299 24.85 22.36 6.30
N VAL A 300 25.76 21.59 6.92
CA VAL A 300 25.38 20.70 8.01
C VAL A 300 26.45 20.73 9.12
N THR A 301 26.02 20.62 10.38
CA THR A 301 26.96 20.41 11.48
C THR A 301 27.43 18.96 11.51
N ASP A 302 28.63 18.80 12.05
CA ASP A 302 29.35 17.54 12.00
C ASP A 302 28.79 16.58 13.04
N VAL A 303 27.88 17.07 13.91
CA VAL A 303 27.30 16.22 14.93
C VAL A 303 26.30 15.24 14.33
N CYS A 304 25.76 15.52 13.14
CA CYS A 304 24.75 14.65 12.55
C CYS A 304 25.46 13.40 12.05
N GLY A 305 24.83 12.25 12.27
CA GLY A 305 25.43 10.97 11.94
C GLY A 305 25.51 10.72 10.43
N TYR A 306 24.73 11.46 9.62
CA TYR A 306 24.84 11.35 8.18
C TYR A 306 25.71 12.44 7.57
N ALA A 307 26.25 13.35 8.39
CA ALA A 307 26.97 14.51 7.86
C ALA A 307 28.15 14.07 7.00
N HIS A 308 28.75 12.93 7.36
CA HIS A 308 29.95 12.44 6.71
C HIS A 308 29.68 12.19 5.24
N TYR A 309 28.48 11.71 4.92
CA TYR A 309 28.11 11.51 3.53
C TYR A 309 28.24 12.81 2.73
N ILE A 310 27.94 13.96 3.33
CA ILE A 310 28.07 15.25 2.65
C ILE A 310 29.55 15.50 2.33
N ALA A 311 30.44 15.22 3.30
CA ALA A 311 31.90 15.32 3.16
C ALA A 311 32.46 14.41 2.07
N GLU A 312 32.19 13.09 2.18
CA GLU A 312 32.69 12.05 1.29
C GLU A 312 32.21 12.23 -0.15
N ALA A 313 31.05 12.85 -0.35
CA ALA A 313 30.52 13.06 -1.68
C ALA A 313 30.81 14.48 -2.17
N ASP A 314 31.37 15.36 -1.32
CA ASP A 314 31.60 16.77 -1.68
C ASP A 314 30.30 17.39 -2.22
N ALA A 315 29.23 17.28 -1.41
CA ALA A 315 27.91 17.68 -1.86
C ALA A 315 27.39 18.83 -0.99
N GLY A 316 28.32 19.63 -0.47
CA GLY A 316 28.01 20.70 0.46
C GLY A 316 29.17 20.86 1.42
N ARG A 317 29.00 21.62 2.52
CA ARG A 317 30.04 21.74 3.52
C ARG A 317 29.52 21.27 4.88
N VAL A 318 30.45 20.73 5.68
CA VAL A 318 30.16 20.25 7.02
C VAL A 318 30.86 21.22 7.98
N LEU A 319 30.15 21.72 8.98
CA LEU A 319 30.75 22.66 9.91
C LEU A 319 31.32 21.89 11.12
N PRO A 320 32.64 21.98 11.38
CA PRO A 320 33.26 21.22 12.48
C PRO A 320 32.81 21.74 13.84
N SER A 321 32.68 20.84 14.82
CA SER A 321 32.45 21.20 16.21
C SER A 321 33.76 21.66 16.89
N PRO A 322 33.74 22.45 17.99
CA PRO A 322 32.53 23.02 18.58
C PRO A 322 31.86 24.07 17.70
N PHE A 323 30.53 24.17 17.80
CA PHE A 323 29.76 25.13 17.05
C PHE A 323 30.07 26.55 17.54
N GLU A 324 30.25 27.45 16.57
CA GLU A 324 30.37 28.89 16.79
C GLU A 324 29.49 29.59 15.76
N GLN A 325 28.51 30.40 16.21
CA GLN A 325 27.56 31.03 15.31
C GLN A 325 28.25 31.73 14.14
N ASP A 326 29.34 32.45 14.42
CA ASP A 326 29.96 33.33 13.44
C ASP A 326 30.67 32.51 12.36
N SER A 327 31.07 31.27 12.67
CA SER A 327 31.60 30.37 11.66
C SER A 327 30.48 29.87 10.74
N LEU A 328 29.25 29.76 11.28
CA LEU A 328 28.10 29.36 10.48
C LEU A 328 27.77 30.47 9.50
N ASN A 329 27.74 31.70 10.03
CA ASN A 329 27.50 32.89 9.25
C ASN A 329 28.46 32.95 8.05
N ARG A 330 29.76 32.93 8.34
CA ARG A 330 30.82 32.95 7.33
C ARG A 330 30.56 31.88 6.26
N LEU A 331 30.24 30.66 6.71
CA LEU A 331 30.09 29.51 5.81
C LEU A 331 28.91 29.67 4.87
N LEU A 332 27.74 30.02 5.42
CA LEU A 332 26.56 30.28 4.60
C LEU A 332 26.87 31.33 3.55
N ALA A 333 27.46 32.45 3.99
CA ALA A 333 27.83 33.52 3.05
C ALA A 333 28.71 32.94 1.95
N GLU A 334 29.72 32.17 2.34
CA GLU A 334 30.67 31.66 1.37
C GLU A 334 29.96 30.78 0.36
N MET A 335 29.03 29.93 0.81
CA MET A 335 28.42 28.94 -0.07
C MET A 335 27.43 29.62 -1.02
N LEU A 336 26.78 30.65 -0.49
CA LEU A 336 25.82 31.37 -1.31
C LEU A 336 26.53 32.24 -2.34
N GLU A 337 27.66 32.88 -1.96
CA GLU A 337 28.42 33.77 -2.84
C GLU A 337 28.98 33.01 -4.05
N ASP A 338 29.21 31.70 -3.89
CA ASP A 338 29.94 30.93 -4.87
C ASP A 338 28.98 29.96 -5.56
N ALA A 339 28.42 30.43 -6.68
CA ALA A 339 27.49 29.69 -7.50
C ALA A 339 28.17 28.52 -8.22
N PRO A 340 29.43 28.64 -8.68
CA PRO A 340 30.11 27.49 -9.29
C PRO A 340 30.31 26.34 -8.31
N ALA A 341 30.69 26.62 -7.06
CA ALA A 341 30.84 25.57 -6.07
C ALA A 341 29.50 24.89 -5.78
N ARG A 342 28.41 25.67 -5.87
CA ARG A 342 27.07 25.18 -5.61
C ARG A 342 26.59 24.30 -6.75
N ALA A 343 26.94 24.63 -8.00
CA ALA A 343 26.67 23.76 -9.15
C ALA A 343 27.47 22.46 -9.06
N ALA A 344 28.70 22.53 -8.55
CA ALA A 344 29.57 21.38 -8.37
C ALA A 344 29.04 20.48 -7.26
N TRP A 345 28.66 21.07 -6.12
CA TRP A 345 28.06 20.27 -5.06
C TRP A 345 26.79 19.56 -5.54
N SER A 346 26.00 20.22 -6.40
N SER A 346 26.01 20.24 -6.39
CA SER A 346 24.79 19.63 -6.96
CA SER A 346 24.80 19.66 -6.98
C SER A 346 25.15 18.41 -7.79
C SER A 346 25.17 18.42 -7.78
N ARG A 347 25.98 18.61 -8.84
CA ARG A 347 26.48 17.53 -9.68
C ARG A 347 27.06 16.40 -8.81
N ASN A 348 27.88 16.75 -7.82
CA ASN A 348 28.50 15.77 -6.91
C ASN A 348 27.45 14.92 -6.18
N GLY A 349 26.37 15.57 -5.74
CA GLY A 349 25.27 14.88 -5.06
C GLY A 349 24.62 13.80 -5.93
N LEU A 350 24.26 14.17 -7.16
CA LEU A 350 23.61 13.30 -8.12
C LEU A 350 24.49 12.13 -8.53
N ALA A 351 25.77 12.37 -8.72
CA ALA A 351 26.68 11.29 -9.10
C ALA A 351 26.82 10.31 -7.93
N TYR A 352 27.00 10.82 -6.71
CA TYR A 352 27.21 9.93 -5.57
C TYR A 352 25.97 9.03 -5.38
N ALA A 353 24.79 9.59 -5.67
CA ALA A 353 23.51 8.90 -5.54
C ALA A 353 23.39 7.75 -6.53
N ASP A 354 24.06 7.89 -7.68
CA ASP A 354 24.00 6.91 -8.75
C ASP A 354 24.91 5.71 -8.46
N HIS A 355 25.90 5.85 -7.57
CA HIS A 355 26.87 4.77 -7.27
C HIS A 355 26.67 4.16 -5.89
N ALA A 356 26.01 4.86 -4.95
CA ALA A 356 26.04 4.44 -3.55
C ALA A 356 24.73 3.79 -3.12
N ASP A 357 24.88 2.87 -2.15
CA ASP A 357 23.83 2.09 -1.51
C ASP A 357 23.14 2.95 -0.44
N LEU A 358 22.14 3.71 -0.87
CA LEU A 358 21.43 4.67 -0.02
C LEU A 358 19.97 4.29 0.10
N TYR A 359 19.55 3.13 -0.44
CA TYR A 359 18.13 2.83 -0.64
C TYR A 359 17.63 1.54 0.02
N SER A 360 18.53 0.62 0.38
CA SER A 360 18.16 -0.78 0.58
C SER A 360 17.87 -1.11 2.05
N MET A 361 17.92 -0.11 2.96
CA MET A 361 17.61 -0.37 4.35
C MET A 361 16.37 -1.27 4.53
N PRO A 362 15.15 -0.94 4.01
CA PRO A 362 13.97 -1.75 4.33
C PRO A 362 14.15 -3.26 4.03
N GLN A 363 14.75 -3.61 2.90
CA GLN A 363 14.97 -5.00 2.53
C GLN A 363 15.96 -5.66 3.48
N ARG A 364 17.05 -4.97 3.89
CA ARG A 364 18.04 -5.54 4.81
C ARG A 364 17.47 -5.69 6.22
N ALA A 365 16.70 -4.68 6.66
CA ALA A 365 16.08 -4.75 7.96
C ALA A 365 15.14 -5.95 8.02
N ALA A 366 14.31 -6.10 6.98
CA ALA A 366 13.36 -7.19 6.94
C ALA A 366 14.10 -8.54 6.99
N ASP A 367 15.20 -8.67 6.23
CA ASP A 367 16.05 -9.85 6.17
C ASP A 367 16.53 -10.28 7.57
N LEU A 368 16.99 -9.31 8.37
CA LEU A 368 17.39 -9.59 9.76
C LEU A 368 16.19 -9.88 10.67
N ILE A 369 15.04 -9.19 10.52
CA ILE A 369 13.87 -9.49 11.35
C ILE A 369 13.37 -10.92 11.12
N LEU A 370 13.43 -11.40 9.87
CA LEU A 370 12.76 -12.64 9.48
C LEU A 370 13.70 -13.86 9.49
N GLY A 371 15.00 -13.65 9.75
CA GLY A 371 15.95 -14.74 9.94
C GLY A 371 16.46 -15.31 8.61
N ALA B 2 -14.93 18.59 -5.60
CA ALA B 2 -13.95 17.52 -5.29
C ALA B 2 -14.59 16.13 -5.33
N THR B 3 -15.92 16.06 -5.27
CA THR B 3 -16.63 14.81 -5.12
C THR B 3 -16.57 13.97 -6.39
N LEU B 4 -16.44 12.65 -6.16
CA LEU B 4 -16.57 11.66 -7.21
C LEU B 4 -17.83 10.87 -6.92
N ALA B 5 -18.70 10.82 -7.94
CA ALA B 5 -19.88 9.97 -7.91
C ALA B 5 -19.58 8.65 -8.62
N PHE B 6 -19.72 7.55 -7.86
CA PHE B 6 -19.60 6.19 -8.33
C PHE B 6 -20.97 5.53 -8.45
N ILE B 7 -21.24 4.89 -9.59
CA ILE B 7 -22.52 4.26 -9.79
C ILE B 7 -22.34 2.76 -9.97
N LEU B 8 -23.14 1.96 -9.27
CA LEU B 8 -23.26 0.56 -9.58
C LEU B 8 -24.64 0.11 -9.13
N TYR B 9 -25.20 -0.90 -9.79
CA TYR B 9 -26.54 -1.35 -9.47
C TYR B 9 -26.61 -1.98 -8.08
N LYS B 10 -25.60 -2.77 -7.68
CA LYS B 10 -25.63 -3.47 -6.40
C LYS B 10 -24.26 -3.41 -5.74
N TYR B 11 -24.21 -3.00 -4.48
CA TYR B 11 -23.04 -3.28 -3.68
C TYR B 11 -23.41 -4.45 -2.76
N PHE B 12 -22.62 -5.50 -2.84
CA PHE B 12 -22.44 -6.43 -1.72
C PHE B 12 -20.96 -6.69 -1.56
N PRO B 13 -20.47 -7.25 -0.42
CA PRO B 13 -19.02 -7.50 -0.24
C PRO B 13 -18.41 -8.61 -1.10
N PHE B 14 -19.22 -9.53 -1.66
CA PHE B 14 -18.70 -10.80 -2.14
C PHE B 14 -18.82 -10.94 -3.68
N GLY B 15 -18.54 -9.87 -4.43
CA GLY B 15 -18.53 -9.91 -5.89
C GLY B 15 -17.34 -9.15 -6.46
N GLY B 16 -16.89 -9.54 -7.67
CA GLY B 16 -15.71 -8.96 -8.31
C GLY B 16 -15.88 -7.47 -8.64
N LEU B 17 -16.97 -7.14 -9.31
CA LEU B 17 -17.35 -5.76 -9.63
C LEU B 17 -17.31 -4.87 -8.39
N GLN B 18 -17.94 -5.39 -7.33
CA GLN B 18 -18.14 -4.71 -6.07
C GLN B 18 -16.86 -4.49 -5.27
N ARG B 19 -15.94 -5.46 -5.25
CA ARG B 19 -14.63 -5.31 -4.58
C ARG B 19 -13.70 -4.40 -5.39
N ASP B 20 -13.82 -4.43 -6.73
CA ASP B 20 -13.09 -3.50 -7.57
C ASP B 20 -13.59 -2.06 -7.30
N PHE B 21 -14.89 -1.77 -7.52
CA PHE B 21 -15.46 -0.48 -7.12
C PHE B 21 -14.90 -0.01 -5.77
N MET B 22 -14.96 -0.88 -4.75
CA MET B 22 -14.66 -0.48 -3.38
C MET B 22 -13.19 -0.07 -3.25
N ARG B 23 -12.29 -0.83 -3.93
CA ARG B 23 -10.86 -0.62 -3.83
C ARG B 23 -10.45 0.64 -4.61
N ILE B 24 -11.12 0.90 -5.72
CA ILE B 24 -10.88 2.12 -6.48
C ILE B 24 -11.34 3.32 -5.65
N ALA B 25 -12.56 3.20 -5.10
CA ALA B 25 -13.20 4.28 -4.40
C ALA B 25 -12.38 4.69 -3.18
N LEU B 26 -11.94 3.69 -2.41
CA LEU B 26 -11.08 3.90 -1.27
C LEU B 26 -9.82 4.65 -1.71
N GLU B 27 -9.27 4.30 -2.88
CA GLU B 27 -8.01 4.87 -3.30
C GLU B 27 -8.23 6.33 -3.72
N CYS B 28 -9.34 6.64 -4.41
CA CYS B 28 -9.61 8.01 -4.81
C CYS B 28 -9.81 8.87 -3.55
N GLN B 29 -10.41 8.30 -2.51
CA GLN B 29 -10.61 8.98 -1.22
C GLN B 29 -9.27 9.22 -0.54
N ARG B 30 -8.42 8.18 -0.49
CA ARG B 30 -7.07 8.33 0.01
C ARG B 30 -6.44 9.55 -0.64
N ARG B 31 -6.79 9.79 -1.92
CA ARG B 31 -6.09 10.81 -2.69
C ARG B 31 -6.72 12.18 -2.49
N GLY B 32 -7.73 12.26 -1.60
CA GLY B 32 -8.29 13.53 -1.15
C GLY B 32 -9.62 13.86 -1.81
N HIS B 33 -10.46 12.83 -2.04
CA HIS B 33 -11.76 13.02 -2.68
C HIS B 33 -12.90 12.53 -1.78
N ASP B 34 -14.00 13.30 -1.73
CA ASP B 34 -15.26 12.84 -1.19
C ASP B 34 -15.83 11.78 -2.14
N ILE B 35 -16.66 10.87 -1.62
CA ILE B 35 -17.10 9.72 -2.38
C ILE B 35 -18.62 9.68 -2.32
N ARG B 36 -19.29 9.89 -3.47
CA ARG B 36 -20.71 9.67 -3.51
C ARG B 36 -20.97 8.42 -4.33
N VAL B 37 -21.98 7.65 -3.90
CA VAL B 37 -22.29 6.37 -4.53
C VAL B 37 -23.77 6.33 -4.76
N TYR B 38 -24.20 6.03 -6.00
CA TYR B 38 -25.60 5.78 -6.29
C TYR B 38 -25.80 4.27 -6.56
N THR B 39 -26.89 3.66 -6.05
CA THR B 39 -27.10 2.23 -6.13
C THR B 39 -28.59 1.88 -5.91
N LEU B 40 -29.00 0.69 -6.36
CA LEU B 40 -30.31 0.13 -6.00
C LEU B 40 -30.28 -0.65 -4.68
N ILE B 41 -29.11 -1.16 -4.27
CA ILE B 41 -28.98 -1.93 -3.04
C ILE B 41 -27.52 -1.89 -2.56
N TRP B 42 -27.35 -1.71 -1.23
CA TRP B 42 -26.09 -1.75 -0.53
C TRP B 42 -26.20 -2.65 0.68
N GLU B 43 -25.53 -3.81 0.61
CA GLU B 43 -25.39 -4.74 1.71
C GLU B 43 -24.01 -4.57 2.31
N GLY B 44 -23.90 -4.74 3.63
CA GLY B 44 -22.61 -4.70 4.29
C GLY B 44 -22.20 -3.28 4.66
N ASP B 45 -21.03 -3.17 5.31
CA ASP B 45 -20.61 -1.92 5.92
C ASP B 45 -20.59 -0.78 4.90
N VAL B 46 -20.69 0.44 5.43
CA VAL B 46 -20.34 1.62 4.67
C VAL B 46 -19.03 2.12 5.26
N PRO B 47 -17.98 2.30 4.44
CA PRO B 47 -16.75 2.92 4.93
C PRO B 47 -17.11 4.33 5.40
N ASP B 48 -16.25 4.86 6.26
CA ASP B 48 -16.40 6.22 6.76
C ASP B 48 -16.30 7.21 5.60
N GLY B 49 -17.23 8.18 5.55
CA GLY B 49 -17.10 9.30 4.64
C GLY B 49 -17.77 9.12 3.26
N PHE B 50 -18.30 7.93 3.00
CA PHE B 50 -19.00 7.64 1.75
C PHE B 50 -20.48 7.99 1.88
N GLU B 51 -21.00 8.86 0.99
CA GLU B 51 -22.41 9.19 0.97
C GLU B 51 -23.10 8.21 0.02
N VAL B 52 -23.90 7.29 0.57
CA VAL B 52 -24.48 6.21 -0.20
C VAL B 52 -25.96 6.46 -0.37
N LEU B 53 -26.38 6.51 -1.64
CA LEU B 53 -27.71 6.90 -2.05
C LEU B 53 -28.37 5.69 -2.72
N VAL B 54 -29.29 5.06 -2.00
CA VAL B 54 -30.08 3.94 -2.46
C VAL B 54 -31.31 4.50 -3.15
N ALA B 55 -31.54 4.10 -4.41
CA ALA B 55 -32.54 4.74 -5.25
C ALA B 55 -33.92 4.13 -4.99
N PRO B 56 -34.97 4.96 -4.78
CA PRO B 56 -36.29 4.47 -4.42
C PRO B 56 -37.14 4.00 -5.61
N VAL B 57 -36.51 3.80 -6.77
CA VAL B 57 -37.27 3.43 -7.97
C VAL B 57 -37.60 1.95 -7.92
N ARG B 58 -38.59 1.56 -8.73
CA ARG B 58 -39.21 0.24 -8.63
C ARG B 58 -39.83 -0.13 -9.98
N SER B 59 -39.77 -1.42 -10.35
CA SER B 59 -40.47 -1.94 -11.52
C SER B 59 -40.54 -3.45 -11.45
N ILE B 60 -41.52 -4.05 -12.12
CA ILE B 60 -41.55 -5.51 -12.17
C ILE B 60 -40.53 -6.03 -13.18
N PHE B 61 -39.88 -5.12 -13.91
CA PHE B 61 -38.84 -5.47 -14.88
C PHE B 61 -37.55 -4.76 -14.50
N ASN B 62 -36.49 -5.55 -14.29
CA ASN B 62 -35.19 -5.01 -13.91
C ASN B 62 -34.72 -3.95 -14.92
N HIS B 63 -35.00 -4.18 -16.21
CA HIS B 63 -34.51 -3.27 -17.24
C HIS B 63 -35.12 -1.87 -17.10
N ARG B 64 -36.40 -1.81 -16.75
CA ARG B 64 -37.12 -0.54 -16.61
C ARG B 64 -36.68 0.10 -15.29
N ARG B 65 -36.62 -0.74 -14.24
CA ARG B 65 -36.13 -0.31 -12.97
C ARG B 65 -34.86 0.51 -13.19
N ASN B 66 -33.93 -0.01 -14.00
CA ASN B 66 -32.64 0.61 -14.28
C ASN B 66 -32.76 1.93 -15.05
N GLU B 67 -33.73 2.04 -15.97
CA GLU B 67 -33.95 3.28 -16.70
C GLU B 67 -34.41 4.37 -15.71
N LYS B 68 -35.31 4.00 -14.79
CA LYS B 68 -35.78 4.91 -13.75
C LYS B 68 -34.61 5.35 -12.88
N PHE B 69 -33.77 4.39 -12.49
CA PHE B 69 -32.59 4.64 -11.69
C PHE B 69 -31.76 5.74 -12.33
N THR B 70 -31.52 5.66 -13.65
N THR B 70 -31.57 5.68 -13.66
CA THR B 70 -30.73 6.66 -14.34
CA THR B 70 -30.73 6.62 -14.39
C THR B 70 -31.36 8.04 -14.13
C THR B 70 -31.32 8.03 -14.32
N ALA B 71 -32.65 8.17 -14.47
CA ALA B 71 -33.31 9.48 -14.42
C ALA B 71 -33.19 10.04 -12.99
N TRP B 72 -33.38 9.16 -11.99
CA TRP B 72 -33.25 9.52 -10.58
C TRP B 72 -31.86 10.08 -10.27
N VAL B 73 -30.83 9.36 -10.72
CA VAL B 73 -29.47 9.76 -10.47
C VAL B 73 -29.24 11.10 -11.15
N ARG B 74 -29.52 11.19 -12.46
CA ARG B 74 -29.21 12.40 -13.19
C ARG B 74 -29.89 13.60 -12.53
N ALA B 75 -31.12 13.39 -12.03
CA ALA B 75 -31.90 14.44 -11.42
C ALA B 75 -31.18 14.92 -10.17
N ASP B 76 -30.62 13.97 -9.38
CA ASP B 76 -29.82 14.35 -8.21
C ASP B 76 -28.53 15.06 -8.64
N LEU B 77 -27.81 14.53 -9.62
CA LEU B 77 -26.54 15.09 -10.09
C LEU B 77 -26.71 16.50 -10.68
N ASP B 78 -27.81 16.75 -11.40
CA ASP B 78 -28.08 18.06 -11.98
C ASP B 78 -28.17 19.12 -10.89
N ARG B 79 -28.69 18.70 -9.73
CA ARG B 79 -28.90 19.57 -8.58
C ARG B 79 -27.62 19.68 -7.74
N ARG B 80 -26.85 18.58 -7.63
CA ARG B 80 -25.59 18.54 -6.91
C ARG B 80 -24.51 17.99 -7.84
N PRO B 81 -23.81 18.86 -8.62
CA PRO B 81 -22.63 18.46 -9.40
C PRO B 81 -21.44 17.86 -8.67
N VAL B 82 -20.71 17.02 -9.41
CA VAL B 82 -19.50 16.38 -8.94
C VAL B 82 -18.42 16.68 -9.96
N GLN B 83 -17.19 16.31 -9.65
CA GLN B 83 -16.07 16.43 -10.57
C GLN B 83 -16.22 15.44 -11.73
N ARG B 84 -16.55 14.19 -11.39
CA ARG B 84 -16.47 13.09 -12.35
C ARG B 84 -17.48 12.03 -11.93
N VAL B 85 -18.04 11.36 -12.95
CA VAL B 85 -18.98 10.27 -12.77
C VAL B 85 -18.32 9.01 -13.32
N ILE B 86 -18.18 8.02 -12.40
CA ILE B 86 -17.59 6.72 -12.66
C ILE B 86 -18.68 5.65 -12.52
N GLY B 87 -18.99 4.92 -13.59
CA GLY B 87 -20.01 3.88 -13.53
C GLY B 87 -19.40 2.49 -13.69
N PHE B 88 -19.88 1.50 -12.93
CA PHE B 88 -19.46 0.11 -13.00
C PHE B 88 -20.48 -0.76 -13.73
N ASN B 89 -21.54 -0.11 -14.19
CA ASN B 89 -22.55 -0.70 -15.06
C ASN B 89 -22.75 0.27 -16.22
N LYS B 90 -23.15 -0.27 -17.39
CA LYS B 90 -23.38 0.50 -18.61
C LYS B 90 -24.72 1.23 -18.52
N MET B 91 -24.63 2.55 -18.74
CA MET B 91 -25.78 3.46 -18.74
C MET B 91 -25.32 4.79 -19.28
N PRO B 92 -26.24 5.68 -19.75
CA PRO B 92 -25.85 7.03 -20.14
C PRO B 92 -25.37 7.89 -18.97
N GLY B 93 -24.55 8.89 -19.28
CA GLY B 93 -24.13 9.90 -18.33
C GLY B 93 -22.87 9.57 -17.54
N LEU B 94 -22.08 8.57 -17.98
CA LEU B 94 -20.83 8.24 -17.31
C LEU B 94 -19.70 9.03 -17.94
N ASP B 95 -18.75 9.53 -17.14
CA ASP B 95 -17.51 10.09 -17.67
C ASP B 95 -16.49 8.99 -17.89
N VAL B 96 -16.53 7.99 -17.00
CA VAL B 96 -15.66 6.83 -17.05
C VAL B 96 -16.50 5.57 -16.87
N TYR B 97 -16.16 4.50 -17.59
CA TYR B 97 -16.80 3.20 -17.43
C TYR B 97 -15.75 2.12 -17.11
N TYR B 98 -15.92 1.42 -15.98
CA TYR B 98 -15.10 0.26 -15.63
C TYR B 98 -15.79 -1.00 -16.15
N ALA B 99 -15.14 -1.67 -17.10
CA ALA B 99 -15.82 -2.68 -17.88
C ALA B 99 -15.75 -4.02 -17.14
N ALA B 100 -16.64 -4.17 -16.14
CA ALA B 100 -16.64 -5.33 -15.28
C ALA B 100 -17.52 -6.40 -15.90
N ASP B 101 -18.18 -6.05 -17.02
CA ASP B 101 -18.98 -7.00 -17.77
C ASP B 101 -18.40 -7.17 -19.16
N ALA B 102 -18.64 -8.35 -19.77
CA ALA B 102 -18.30 -8.61 -21.17
C ALA B 102 -19.21 -7.79 -22.10
N CYS B 103 -18.95 -7.86 -23.41
CA CYS B 103 -19.76 -7.17 -24.42
C CYS B 103 -21.11 -7.87 -24.54
N PHE B 104 -22.18 -7.11 -24.32
CA PHE B 104 -23.53 -7.66 -24.30
C PHE B 104 -23.95 -8.09 -25.71
N GLU B 105 -23.77 -7.18 -26.67
CA GLU B 105 -24.24 -7.36 -28.04
C GLU B 105 -23.64 -8.62 -28.64
N GLU B 106 -22.37 -8.88 -28.34
CA GLU B 106 -21.70 -10.10 -28.76
C GLU B 106 -22.43 -11.31 -28.16
N LYS B 107 -22.64 -11.31 -26.83
CA LYS B 107 -23.30 -12.41 -26.13
C LYS B 107 -24.69 -12.69 -26.70
N ALA B 108 -25.45 -11.64 -26.99
CA ALA B 108 -26.78 -11.75 -27.56
C ALA B 108 -26.78 -12.61 -28.82
N GLN B 109 -25.77 -12.42 -29.68
CA GLN B 109 -25.76 -13.05 -30.99
C GLN B 109 -25.37 -14.53 -30.92
N THR B 110 -24.92 -14.99 -29.73
CA THR B 110 -24.73 -16.41 -29.45
C THR B 110 -26.09 -17.07 -29.22
N ARG B 117 -34.02 -9.02 -30.36
CA ARG B 117 -34.22 -8.02 -31.45
C ARG B 117 -35.30 -7.01 -31.03
N GLN B 118 -36.49 -7.54 -30.69
CA GLN B 118 -37.71 -6.78 -30.48
C GLN B 118 -38.01 -6.61 -28.99
N TRP B 119 -37.73 -7.66 -28.18
CA TRP B 119 -37.83 -7.70 -26.72
C TRP B 119 -37.28 -6.42 -26.10
N GLY B 120 -37.95 -5.97 -25.03
CA GLY B 120 -37.56 -4.77 -24.32
C GLY B 120 -36.20 -4.90 -23.66
N ARG B 121 -35.87 -6.10 -23.10
CA ARG B 121 -34.67 -6.34 -22.31
C ARG B 121 -33.43 -6.19 -23.21
N TYR B 122 -33.49 -6.87 -24.35
CA TYR B 122 -32.48 -6.69 -25.39
C TYR B 122 -32.26 -5.22 -25.76
N ARG B 123 -33.31 -4.48 -26.12
CA ARG B 123 -33.12 -3.13 -26.64
C ARG B 123 -32.61 -2.22 -25.53
N HIS B 124 -33.04 -2.45 -24.27
CA HIS B 124 -32.57 -1.67 -23.14
C HIS B 124 -31.07 -1.88 -22.95
N PHE B 125 -30.65 -3.15 -22.75
CA PHE B 125 -29.27 -3.45 -22.40
C PHE B 125 -28.33 -3.09 -23.57
N ALA B 126 -28.76 -3.32 -24.82
CA ALA B 126 -28.00 -2.87 -25.97
C ALA B 126 -27.97 -1.35 -26.07
N GLY B 127 -29.09 -0.71 -25.72
CA GLY B 127 -29.20 0.74 -25.76
C GLY B 127 -28.20 1.38 -24.79
N TYR B 128 -28.10 0.80 -23.60
CA TYR B 128 -27.23 1.34 -22.54
C TYR B 128 -25.75 1.08 -22.86
N GLU B 129 -25.44 -0.06 -23.50
CA GLU B 129 -24.08 -0.36 -23.94
C GLU B 129 -23.63 0.67 -24.98
N ARG B 130 -24.39 0.82 -26.05
CA ARG B 130 -24.12 1.86 -27.03
C ARG B 130 -23.95 3.23 -26.37
N ALA B 131 -24.73 3.53 -25.34
CA ALA B 131 -24.63 4.79 -24.60
C ALA B 131 -23.21 5.08 -24.12
N VAL B 132 -22.46 4.03 -23.75
CA VAL B 132 -21.07 4.13 -23.33
C VAL B 132 -20.12 4.08 -24.53
N PHE B 133 -20.33 3.07 -25.40
CA PHE B 133 -19.38 2.64 -26.41
C PHE B 133 -19.58 3.34 -27.76
N ASP B 134 -20.68 4.07 -27.94
CA ASP B 134 -20.94 4.75 -29.20
C ASP B 134 -19.80 5.74 -29.48
N PRO B 135 -19.42 5.96 -30.76
CA PRO B 135 -18.40 6.95 -31.09
C PRO B 135 -18.71 8.39 -30.63
N ALA B 136 -19.97 8.78 -30.56
CA ALA B 136 -20.31 10.13 -30.11
C ALA B 136 -20.30 10.27 -28.59
N SER B 137 -20.16 9.16 -27.86
CA SER B 137 -20.07 9.19 -26.41
C SER B 137 -18.67 9.63 -26.04
N LYS B 138 -18.49 10.30 -24.91
CA LYS B 138 -17.16 10.72 -24.48
C LYS B 138 -16.65 9.90 -23.28
N THR B 139 -17.33 8.79 -22.93
CA THR B 139 -16.92 7.91 -21.85
C THR B 139 -15.56 7.26 -22.13
N GLU B 140 -14.59 7.58 -21.24
CA GLU B 140 -13.38 6.82 -20.99
C GLU B 140 -13.71 5.40 -20.52
N ILE B 141 -12.98 4.41 -21.05
CA ILE B 141 -13.29 3.03 -20.72
C ILE B 141 -12.11 2.36 -20.05
N LEU B 142 -12.34 1.80 -18.87
CA LEU B 142 -11.32 1.08 -18.13
C LEU B 142 -11.49 -0.42 -18.35
N MET B 143 -10.56 -1.02 -19.09
CA MET B 143 -10.68 -2.40 -19.50
C MET B 143 -9.87 -3.26 -18.54
N ILE B 144 -10.37 -4.45 -18.24
CA ILE B 144 -9.62 -5.40 -17.43
C ILE B 144 -9.49 -6.73 -18.16
N SER B 145 -10.48 -7.08 -18.98
CA SER B 145 -10.32 -8.14 -19.96
C SER B 145 -9.83 -7.55 -21.28
N GLU B 146 -8.60 -7.92 -21.68
CA GLU B 146 -8.03 -7.55 -22.98
C GLU B 146 -8.92 -8.01 -24.15
N VAL B 147 -9.44 -9.25 -24.06
CA VAL B 147 -10.12 -9.97 -25.15
C VAL B 147 -11.34 -9.21 -25.69
N GLN B 148 -12.04 -8.45 -24.85
CA GLN B 148 -13.33 -7.87 -25.17
C GLN B 148 -13.17 -6.60 -25.98
N GLN B 149 -12.09 -5.85 -25.77
CA GLN B 149 -11.94 -4.57 -26.44
C GLN B 149 -12.38 -4.72 -27.89
N PRO B 150 -11.77 -5.62 -28.74
CA PRO B 150 -12.10 -5.75 -30.17
C PRO B 150 -13.56 -6.12 -30.42
N LEU B 151 -14.18 -6.78 -29.44
CA LEU B 151 -15.59 -7.09 -29.59
C LEU B 151 -16.39 -5.80 -29.45
N PHE B 152 -16.08 -4.95 -28.45
CA PHE B 152 -16.75 -3.65 -28.32
C PHE B 152 -16.57 -2.84 -29.62
N VAL B 153 -15.38 -2.91 -30.24
CA VAL B 153 -15.11 -2.10 -31.42
C VAL B 153 -15.88 -2.68 -32.62
N LYS B 154 -15.96 -4.00 -32.67
CA LYS B 154 -16.66 -4.61 -33.79
C LYS B 154 -18.10 -4.13 -33.80
N HIS B 155 -18.74 -4.08 -32.60
CA HIS B 155 -20.18 -3.81 -32.48
C HIS B 155 -20.50 -2.31 -32.42
N TYR B 156 -19.59 -1.44 -31.95
CA TYR B 156 -19.93 -0.01 -31.87
C TYR B 156 -18.95 0.88 -32.62
N GLY B 157 -17.72 0.41 -32.86
CA GLY B 157 -16.75 1.25 -33.52
C GLY B 157 -16.20 2.31 -32.56
N THR B 158 -16.13 1.96 -31.27
CA THR B 158 -15.53 2.85 -30.29
C THR B 158 -14.06 3.16 -30.64
N GLN B 159 -13.62 4.42 -30.45
CA GLN B 159 -12.26 4.85 -30.78
C GLN B 159 -11.26 4.22 -29.80
N ALA B 160 -10.04 3.96 -30.29
CA ALA B 160 -9.05 3.21 -29.53
C ALA B 160 -8.51 4.04 -28.35
N GLU B 161 -8.33 5.36 -28.57
N GLU B 161 -8.34 5.36 -28.56
CA GLU B 161 -7.76 6.27 -27.57
CA GLU B 161 -7.77 6.26 -27.58
C GLU B 161 -8.55 6.22 -26.26
C GLU B 161 -8.56 6.24 -26.27
N ARG B 162 -9.81 5.76 -26.34
CA ARG B 162 -10.77 5.80 -25.25
C ARG B 162 -10.60 4.60 -24.34
N PHE B 163 -9.87 3.58 -24.80
CA PHE B 163 -9.70 2.38 -24.00
C PHE B 163 -8.37 2.39 -23.26
N HIS B 164 -8.39 1.89 -22.02
CA HIS B 164 -7.21 1.86 -21.16
C HIS B 164 -7.23 0.55 -20.40
N LEU B 165 -6.29 -0.32 -20.72
CA LEU B 165 -6.27 -1.67 -20.17
C LEU B 165 -5.59 -1.62 -18.81
N LEU B 166 -6.25 -2.20 -17.81
CA LEU B 166 -5.68 -2.19 -16.48
C LEU B 166 -5.07 -3.55 -16.21
N PRO B 167 -4.03 -3.63 -15.37
CA PRO B 167 -3.58 -4.91 -14.85
C PRO B 167 -4.55 -5.36 -13.77
N PRO B 168 -4.40 -6.57 -13.22
CA PRO B 168 -5.25 -7.01 -12.12
C PRO B 168 -5.11 -6.30 -10.77
N GLY B 169 -6.14 -6.46 -9.91
CA GLY B 169 -6.21 -5.83 -8.60
C GLY B 169 -6.52 -6.81 -7.46
N ILE B 170 -5.84 -7.96 -7.47
CA ILE B 170 -5.93 -8.94 -6.40
C ILE B 170 -5.56 -8.28 -5.08
N SER B 171 -6.34 -8.50 -4.02
CA SER B 171 -5.92 -7.88 -2.78
C SER B 171 -4.81 -8.74 -2.14
N GLN B 172 -3.93 -8.06 -1.39
CA GLN B 172 -2.75 -8.61 -0.72
C GLN B 172 -3.06 -9.76 0.22
N ASP B 173 -4.26 -9.75 0.83
CA ASP B 173 -4.64 -10.75 1.82
C ASP B 173 -4.73 -12.12 1.14
N ARG B 174 -4.85 -12.15 -0.20
CA ARG B 174 -5.03 -13.43 -0.89
C ARG B 174 -3.69 -14.13 -1.08
N ARG B 175 -2.60 -13.39 -0.89
CA ARG B 175 -1.28 -13.93 -1.11
C ARG B 175 -0.94 -14.90 0.01
N ALA B 176 -0.37 -16.07 -0.34
CA ALA B 176 0.06 -17.02 0.67
C ALA B 176 0.88 -16.31 1.72
N PRO B 177 0.51 -16.44 3.02
CA PRO B 177 1.33 -15.91 4.12
C PRO B 177 2.49 -16.85 4.47
N ALA B 178 3.46 -16.34 5.24
CA ALA B 178 4.60 -17.12 5.70
C ALA B 178 4.18 -18.36 6.50
N ASN B 179 2.99 -18.36 7.09
CA ASN B 179 2.52 -19.47 7.91
C ASN B 179 1.49 -20.30 7.13
N ALA B 180 1.54 -20.31 5.80
CA ALA B 180 0.50 -20.94 5.00
C ALA B 180 0.18 -22.35 5.50
N ALA B 181 1.23 -23.07 5.92
CA ALA B 181 1.13 -24.47 6.29
C ALA B 181 0.24 -24.62 7.54
N ASP B 182 0.33 -23.60 8.41
CA ASP B 182 -0.38 -23.59 9.67
C ASP B 182 -1.83 -23.21 9.40
N VAL B 183 -2.05 -22.28 8.46
CA VAL B 183 -3.40 -21.88 8.12
C VAL B 183 -4.09 -23.08 7.47
N ARG B 184 -3.37 -23.73 6.55
CA ARG B 184 -3.83 -24.90 5.82
C ARG B 184 -4.22 -26.01 6.81
N ALA B 185 -3.33 -26.34 7.75
CA ALA B 185 -3.59 -27.40 8.72
C ALA B 185 -4.80 -27.04 9.61
N GLU B 186 -4.95 -25.75 9.98
CA GLU B 186 -6.04 -25.37 10.88
C GLU B 186 -7.34 -25.52 10.11
N PHE B 187 -7.39 -24.98 8.88
CA PHE B 187 -8.56 -25.10 8.04
C PHE B 187 -8.97 -26.58 7.89
N ARG B 188 -8.04 -27.44 7.47
CA ARG B 188 -8.38 -28.82 7.16
C ARG B 188 -8.78 -29.55 8.44
N ARG B 189 -8.18 -29.20 9.59
CA ARG B 189 -8.61 -29.75 10.88
C ARG B 189 -10.06 -29.37 11.16
N GLU B 190 -10.41 -28.14 10.83
CA GLU B 190 -11.74 -27.60 11.07
C GLU B 190 -12.80 -28.32 10.22
N PHE B 191 -12.55 -28.46 8.91
CA PHE B 191 -13.50 -29.10 8.01
C PHE B 191 -13.45 -30.64 8.00
N GLY B 192 -12.58 -31.27 8.81
CA GLY B 192 -12.43 -32.73 8.86
C GLY B 192 -11.73 -33.36 7.65
N LEU B 193 -10.71 -32.70 7.08
CA LEU B 193 -10.01 -33.21 5.91
C LEU B 193 -8.66 -33.81 6.32
N GLU B 194 -8.46 -35.07 5.97
CA GLU B 194 -7.23 -35.79 6.32
C GLU B 194 -6.17 -35.54 5.22
N GLU B 195 -4.96 -36.07 5.44
CA GLU B 195 -3.85 -35.91 4.51
C GLU B 195 -4.18 -36.51 3.13
N ASP B 196 -5.03 -37.55 3.11
CA ASP B 196 -5.36 -38.27 1.88
C ASP B 196 -6.71 -37.81 1.34
N ASP B 197 -7.33 -36.77 1.93
CA ASP B 197 -8.57 -36.26 1.36
C ASP B 197 -8.27 -35.18 0.33
N LEU B 198 -9.13 -35.09 -0.68
CA LEU B 198 -9.00 -34.06 -1.71
C LEU B 198 -10.21 -33.13 -1.67
N LEU B 199 -9.94 -31.82 -1.52
CA LEU B 199 -10.93 -30.75 -1.50
C LEU B 199 -10.90 -29.97 -2.82
N LEU B 200 -12.04 -29.97 -3.53
CA LEU B 200 -12.27 -29.05 -4.64
C LEU B 200 -13.05 -27.86 -4.10
N VAL B 201 -12.69 -26.64 -4.51
CA VAL B 201 -13.47 -25.47 -4.13
C VAL B 201 -13.89 -24.74 -5.40
N GLN B 202 -15.15 -24.34 -5.40
CA GLN B 202 -15.74 -23.57 -6.49
C GLN B 202 -16.16 -22.24 -5.88
N ILE B 203 -15.50 -21.15 -6.22
CA ILE B 203 -15.71 -19.93 -5.46
C ILE B 203 -16.33 -18.87 -6.35
N GLY B 204 -17.30 -18.14 -5.79
CA GLY B 204 -17.93 -17.00 -6.42
C GLY B 204 -19.42 -17.27 -6.67
N SER B 205 -20.21 -16.19 -6.53
CA SER B 205 -21.62 -16.26 -6.82
C SER B 205 -21.86 -16.38 -8.33
N GLY B 206 -22.97 -17.00 -8.73
CA GLY B 206 -23.20 -17.26 -10.15
C GLY B 206 -22.84 -18.70 -10.48
N PHE B 207 -23.34 -19.63 -9.67
CA PHE B 207 -23.01 -21.04 -9.72
C PHE B 207 -23.28 -21.62 -11.11
N LYS B 208 -24.43 -21.27 -11.70
CA LYS B 208 -24.81 -21.83 -12.99
C LYS B 208 -23.81 -21.34 -14.04
N THR B 209 -23.57 -20.02 -14.04
CA THR B 209 -22.70 -19.37 -15.03
C THR B 209 -21.24 -19.86 -14.87
N LYS B 210 -20.79 -20.15 -13.64
CA LYS B 210 -19.40 -20.53 -13.39
C LYS B 210 -19.24 -22.05 -13.44
N GLY B 211 -20.32 -22.77 -13.83
CA GLY B 211 -20.24 -24.17 -14.19
C GLY B 211 -20.23 -25.12 -12.99
N LEU B 212 -21.04 -24.84 -11.96
CA LEU B 212 -21.09 -25.71 -10.78
C LEU B 212 -21.62 -27.08 -11.18
N ASP B 213 -22.49 -27.11 -12.20
CA ASP B 213 -23.17 -28.33 -12.62
C ASP B 213 -22.13 -29.30 -13.20
N ARG B 214 -21.19 -28.71 -13.96
CA ARG B 214 -20.08 -29.38 -14.62
C ARG B 214 -19.08 -29.93 -13.62
N SER B 215 -18.66 -29.07 -12.67
CA SER B 215 -17.87 -29.48 -11.52
C SER B 215 -18.44 -30.74 -10.86
N LEU B 216 -19.74 -30.75 -10.62
CA LEU B 216 -20.43 -31.81 -9.89
C LEU B 216 -20.48 -33.12 -10.70
N LYS B 217 -20.83 -33.01 -11.98
CA LYS B 217 -20.77 -34.17 -12.87
C LYS B 217 -19.35 -34.75 -12.88
N ALA B 218 -18.36 -33.87 -12.90
CA ALA B 218 -16.97 -34.30 -12.96
C ALA B 218 -16.55 -35.00 -11.67
N LEU B 219 -16.99 -34.49 -10.51
CA LEU B 219 -16.78 -35.20 -9.24
C LEU B 219 -17.48 -36.58 -9.28
N SER B 220 -18.71 -36.61 -9.81
CA SER B 220 -19.47 -37.85 -9.86
C SER B 220 -18.80 -38.92 -10.70
N ALA B 221 -18.06 -38.50 -11.75
CA ALA B 221 -17.51 -39.40 -12.76
C ALA B 221 -16.06 -39.82 -12.45
N LEU B 222 -15.50 -39.42 -11.29
CA LEU B 222 -14.16 -39.82 -10.89
C LEU B 222 -14.14 -41.32 -10.65
N PRO B 223 -13.00 -42.01 -10.95
CA PRO B 223 -12.82 -43.41 -10.59
C PRO B 223 -12.92 -43.59 -9.08
N LYS B 224 -13.45 -44.78 -8.71
CA LYS B 224 -13.76 -45.20 -7.35
C LYS B 224 -12.73 -44.65 -6.36
N ALA B 225 -11.44 -44.86 -6.65
CA ALA B 225 -10.44 -44.67 -5.61
C ALA B 225 -10.31 -43.18 -5.28
N LEU B 226 -10.48 -42.32 -6.31
CA LEU B 226 -10.41 -40.86 -6.19
C LEU B 226 -11.72 -40.27 -5.67
N ARG B 227 -12.85 -40.86 -6.08
CA ARG B 227 -14.19 -40.39 -5.74
C ARG B 227 -14.49 -40.41 -4.24
N ARG B 228 -14.14 -41.51 -3.58
CA ARG B 228 -14.31 -41.64 -2.13
C ARG B 228 -13.41 -40.67 -1.38
N ARG B 229 -12.38 -40.15 -2.05
CA ARG B 229 -11.40 -39.29 -1.42
C ARG B 229 -11.73 -37.80 -1.65
N THR B 230 -12.63 -37.50 -2.60
CA THR B 230 -12.82 -36.13 -3.02
C THR B 230 -14.08 -35.52 -2.41
N ARG B 231 -13.98 -34.26 -2.00
CA ARG B 231 -15.16 -33.47 -1.71
C ARG B 231 -15.05 -32.08 -2.35
N LEU B 232 -16.21 -31.45 -2.59
CA LEU B 232 -16.31 -30.11 -3.15
C LEU B 232 -17.02 -29.17 -2.16
N ILE B 233 -16.48 -27.96 -1.97
CA ILE B 233 -17.20 -26.88 -1.31
C ILE B 233 -17.35 -25.72 -2.29
N ALA B 234 -18.59 -25.25 -2.46
CA ALA B 234 -18.93 -24.14 -3.33
C ALA B 234 -19.28 -22.97 -2.44
N ILE B 235 -18.80 -21.78 -2.77
CA ILE B 235 -18.96 -20.63 -1.90
C ILE B 235 -19.52 -19.45 -2.69
N GLY B 236 -20.74 -19.01 -2.34
CA GLY B 236 -21.48 -18.00 -3.10
C GLY B 236 -22.87 -17.72 -2.49
N GLN B 237 -23.50 -16.59 -2.89
CA GLN B 237 -24.78 -16.15 -2.34
C GLN B 237 -25.97 -16.91 -2.95
N ASP B 238 -25.77 -17.63 -4.08
CA ASP B 238 -26.87 -18.19 -4.85
C ASP B 238 -27.80 -19.09 -4.04
N ASP B 239 -28.98 -19.32 -4.63
CA ASP B 239 -29.91 -20.32 -4.12
C ASP B 239 -29.28 -21.69 -4.37
N PRO B 240 -28.92 -22.45 -3.32
CA PRO B 240 -28.38 -23.81 -3.48
C PRO B 240 -29.38 -24.84 -4.00
N LYS B 241 -30.68 -24.57 -3.79
CA LYS B 241 -31.72 -25.57 -3.99
C LYS B 241 -31.70 -26.11 -5.44
N PRO B 242 -31.45 -25.32 -6.52
CA PRO B 242 -31.42 -25.88 -7.87
C PRO B 242 -30.32 -26.93 -8.11
N PHE B 243 -29.34 -27.03 -7.18
CA PHE B 243 -28.17 -27.90 -7.29
C PHE B 243 -28.28 -29.09 -6.34
N LEU B 244 -29.06 -28.92 -5.26
CA LEU B 244 -29.27 -29.97 -4.26
C LEU B 244 -29.92 -31.19 -4.91
N LEU B 245 -30.76 -30.93 -5.92
CA LEU B 245 -31.43 -31.96 -6.71
C LEU B 245 -30.41 -32.74 -7.55
N GLN B 246 -29.47 -32.01 -8.17
CA GLN B 246 -28.34 -32.61 -8.89
C GLN B 246 -27.45 -33.43 -7.96
N ILE B 247 -27.16 -32.88 -6.79
CA ILE B 247 -26.29 -33.50 -5.80
C ILE B 247 -26.94 -34.79 -5.30
N ALA B 248 -28.28 -34.78 -5.10
CA ALA B 248 -29.05 -35.95 -4.67
C ALA B 248 -29.04 -37.03 -5.74
N ALA B 249 -29.40 -36.66 -6.98
CA ALA B 249 -29.35 -37.58 -8.12
C ALA B 249 -28.00 -38.30 -8.25
N LEU B 250 -26.88 -37.59 -8.05
CA LEU B 250 -25.57 -38.15 -8.33
C LEU B 250 -24.99 -38.88 -7.12
N GLY B 251 -25.69 -38.91 -5.97
CA GLY B 251 -25.25 -39.67 -4.81
C GLY B 251 -24.18 -38.93 -4.00
N LEU B 252 -24.05 -37.61 -4.22
CA LEU B 252 -22.91 -36.85 -3.69
C LEU B 252 -23.27 -36.06 -2.43
N ASN B 253 -24.31 -36.48 -1.70
CA ASN B 253 -24.76 -35.71 -0.55
C ASN B 253 -23.64 -35.57 0.47
N ASP B 254 -22.90 -36.68 0.68
CA ASP B 254 -21.98 -36.76 1.80
C ASP B 254 -20.66 -36.05 1.48
N GLN B 255 -20.48 -35.65 0.22
CA GLN B 255 -19.20 -35.10 -0.20
C GLN B 255 -19.36 -33.76 -0.92
N VAL B 256 -20.53 -33.11 -0.87
CA VAL B 256 -20.62 -31.75 -1.36
C VAL B 256 -21.15 -30.89 -0.22
N GLN B 257 -20.65 -29.64 -0.09
CA GLN B 257 -21.33 -28.62 0.68
C GLN B 257 -21.31 -27.29 -0.08
N ILE B 258 -22.38 -26.53 0.09
CA ILE B 258 -22.53 -25.23 -0.53
C ILE B 258 -22.77 -24.21 0.56
N LEU B 259 -21.93 -23.17 0.56
CA LEU B 259 -21.91 -22.19 1.63
C LEU B 259 -22.26 -20.82 1.05
N LYS B 260 -22.86 -19.97 1.89
CA LYS B 260 -23.12 -18.58 1.53
C LYS B 260 -21.80 -17.84 1.46
N GLY B 261 -21.83 -16.65 0.87
CA GLY B 261 -20.67 -15.79 0.75
C GLY B 261 -19.99 -15.55 2.09
N ARG B 262 -18.68 -15.29 2.08
CA ARG B 262 -17.94 -15.10 3.32
C ARG B 262 -16.57 -14.48 3.04
N SER B 263 -15.98 -13.91 4.10
CA SER B 263 -14.86 -12.99 3.95
C SER B 263 -13.53 -13.72 4.13
N ASP B 264 -13.56 -15.02 4.46
CA ASP B 264 -12.35 -15.78 4.75
C ASP B 264 -11.99 -16.73 3.59
N ILE B 265 -12.16 -16.23 2.36
CA ILE B 265 -11.82 -16.97 1.14
C ILE B 265 -10.36 -17.44 1.15
N PRO B 266 -9.38 -16.62 1.62
CA PRO B 266 -7.99 -17.04 1.61
C PRO B 266 -7.68 -18.33 2.39
N ARG B 267 -8.47 -18.61 3.43
CA ARG B 267 -8.31 -19.83 4.22
C ARG B 267 -8.69 -21.04 3.38
N PHE B 268 -9.83 -20.89 2.68
CA PHE B 268 -10.31 -21.88 1.73
C PHE B 268 -9.28 -22.10 0.62
N LEU B 269 -8.70 -21.02 0.12
CA LEU B 269 -7.72 -21.16 -0.95
C LEU B 269 -6.52 -21.97 -0.47
N LEU B 270 -6.08 -21.77 0.77
CA LEU B 270 -4.92 -22.49 1.34
C LEU B 270 -5.26 -23.93 1.74
N GLY B 271 -6.51 -24.18 2.12
CA GLY B 271 -6.91 -25.48 2.65
C GLY B 271 -7.30 -26.49 1.56
N ALA B 272 -7.58 -25.97 0.36
CA ALA B 272 -8.10 -26.78 -0.73
C ALA B 272 -6.97 -27.46 -1.52
N ASP B 273 -7.35 -28.39 -2.39
CA ASP B 273 -6.35 -29.04 -3.23
C ASP B 273 -6.46 -28.57 -4.68
N LEU B 274 -7.63 -28.12 -5.11
CA LEU B 274 -7.85 -27.65 -6.47
C LEU B 274 -8.93 -26.58 -6.50
N LEU B 275 -8.71 -25.46 -7.22
CA LEU B 275 -9.83 -24.62 -7.65
C LEU B 275 -10.36 -25.16 -8.98
N ILE B 276 -11.64 -25.55 -8.99
CA ILE B 276 -12.34 -25.93 -10.20
C ILE B 276 -13.34 -24.83 -10.62
N HIS B 277 -13.20 -24.40 -11.89
CA HIS B 277 -13.94 -23.26 -12.39
C HIS B 277 -14.31 -23.47 -13.86
N PRO B 278 -15.14 -24.46 -14.23
CA PRO B 278 -15.43 -24.71 -15.64
C PRO B 278 -16.54 -23.82 -16.16
N ALA B 279 -16.31 -22.50 -16.11
CA ALA B 279 -17.32 -21.48 -16.36
C ALA B 279 -17.88 -21.67 -17.77
N TYR B 280 -19.18 -21.43 -17.95
CA TYR B 280 -19.74 -21.26 -19.28
C TYR B 280 -19.33 -19.91 -19.90
N ASN B 281 -19.24 -18.86 -19.09
CA ASN B 281 -18.70 -17.58 -19.53
C ASN B 281 -18.27 -16.72 -18.33
N GLU B 282 -17.26 -15.85 -18.54
CA GLU B 282 -16.71 -15.05 -17.46
C GLU B 282 -15.82 -13.94 -18.04
N ASN B 283 -16.16 -12.69 -17.73
CA ASN B 283 -15.36 -11.56 -18.19
C ASN B 283 -13.87 -11.75 -17.85
N THR B 284 -13.52 -12.06 -16.59
CA THR B 284 -12.13 -12.26 -16.17
C THR B 284 -12.02 -13.50 -15.26
N GLY B 285 -12.43 -13.34 -13.99
CA GLY B 285 -12.34 -14.42 -13.01
C GLY B 285 -11.25 -14.14 -11.99
N THR B 286 -11.45 -13.11 -11.14
CA THR B 286 -10.54 -12.76 -10.06
C THR B 286 -10.09 -14.00 -9.28
N VAL B 287 -10.99 -14.94 -8.96
CA VAL B 287 -10.65 -16.07 -8.10
C VAL B 287 -9.56 -16.94 -8.74
N LEU B 288 -9.55 -17.03 -10.07
CA LEU B 288 -8.50 -17.77 -10.77
C LEU B 288 -7.13 -17.30 -10.28
N LEU B 289 -6.90 -15.98 -10.33
CA LEU B 289 -5.65 -15.41 -9.87
C LEU B 289 -5.49 -15.50 -8.35
N GLU B 290 -6.59 -15.39 -7.60
CA GLU B 290 -6.52 -15.50 -6.14
C GLU B 290 -6.01 -16.91 -5.74
N ALA B 291 -6.46 -17.93 -6.47
CA ALA B 291 -5.96 -19.29 -6.31
C ALA B 291 -4.44 -19.34 -6.54
N LEU B 292 -4.06 -18.71 -7.65
CA LEU B 292 -2.68 -18.64 -8.11
C LEU B 292 -1.79 -18.05 -7.02
N VAL B 293 -2.10 -16.85 -6.49
CA VAL B 293 -1.22 -16.25 -5.51
C VAL B 293 -1.32 -17.00 -4.17
N SER B 294 -2.31 -17.89 -3.99
CA SER B 294 -2.35 -18.74 -2.82
C SER B 294 -1.57 -20.06 -3.06
N GLY B 295 -1.12 -20.31 -4.28
CA GLY B 295 -0.49 -21.59 -4.56
C GLY B 295 -1.50 -22.72 -4.66
N LEU B 296 -2.71 -22.39 -5.13
CA LEU B 296 -3.72 -23.42 -5.30
C LEU B 296 -3.93 -23.71 -6.78
N PRO B 297 -3.63 -24.95 -7.25
CA PRO B 297 -3.78 -25.29 -8.68
C PRO B 297 -5.19 -25.05 -9.18
N VAL B 298 -5.33 -24.61 -10.44
CA VAL B 298 -6.62 -24.23 -11.01
C VAL B 298 -6.93 -25.13 -12.20
N LEU B 299 -8.20 -25.55 -12.29
CA LEU B 299 -8.79 -26.14 -13.50
C LEU B 299 -9.85 -25.17 -14.00
N VAL B 300 -9.63 -24.58 -15.18
CA VAL B 300 -10.48 -23.51 -15.68
C VAL B 300 -10.79 -23.76 -17.16
N THR B 301 -11.94 -23.35 -17.66
CA THR B 301 -12.17 -23.32 -19.10
C THR B 301 -11.49 -22.11 -19.73
N ASP B 302 -11.23 -22.20 -21.04
CA ASP B 302 -10.49 -21.16 -21.74
C ASP B 302 -11.32 -19.91 -22.06
N VAL B 303 -12.66 -19.96 -21.90
CA VAL B 303 -13.48 -18.77 -22.16
C VAL B 303 -13.19 -17.67 -21.12
N CYS B 304 -12.75 -18.03 -19.91
CA CYS B 304 -12.52 -17.03 -18.87
C CYS B 304 -11.38 -16.11 -19.31
N GLY B 305 -11.61 -14.79 -19.20
CA GLY B 305 -10.62 -13.77 -19.49
C GLY B 305 -9.27 -13.95 -18.77
N TYR B 306 -9.23 -14.47 -17.52
CA TYR B 306 -7.96 -14.62 -16.79
C TYR B 306 -7.35 -16.04 -16.91
N ALA B 307 -7.93 -16.88 -17.77
CA ALA B 307 -7.46 -18.25 -17.94
C ALA B 307 -6.01 -18.29 -18.44
N HIS B 308 -5.65 -17.41 -19.38
CA HIS B 308 -4.31 -17.35 -19.94
C HIS B 308 -3.24 -17.33 -18.82
N TYR B 309 -3.48 -16.61 -17.71
CA TYR B 309 -2.57 -16.54 -16.57
C TYR B 309 -2.29 -17.93 -15.99
N ILE B 310 -3.25 -18.86 -16.04
CA ILE B 310 -3.05 -20.20 -15.48
C ILE B 310 -2.12 -21.00 -16.39
N ALA B 311 -2.39 -20.90 -17.69
CA ALA B 311 -1.54 -21.51 -18.70
C ALA B 311 -0.15 -20.87 -18.65
N GLU B 312 -0.08 -19.55 -18.54
CA GLU B 312 1.20 -18.87 -18.68
C GLU B 312 2.12 -19.11 -17.48
N ALA B 313 1.58 -19.23 -16.26
CA ALA B 313 2.44 -19.38 -15.10
C ALA B 313 2.64 -20.87 -14.84
N ASP B 314 1.92 -21.68 -15.63
CA ASP B 314 1.86 -23.11 -15.46
C ASP B 314 1.39 -23.46 -14.04
N ALA B 315 0.25 -22.88 -13.64
CA ALA B 315 -0.28 -23.05 -12.30
C ALA B 315 -1.61 -23.82 -12.35
N GLY B 316 -1.81 -24.63 -13.40
CA GLY B 316 -2.94 -25.53 -13.45
C GLY B 316 -3.19 -25.95 -14.89
N ARG B 317 -4.44 -26.30 -15.22
CA ARG B 317 -4.77 -26.63 -16.59
C ARG B 317 -5.95 -25.79 -17.06
N VAL B 318 -5.90 -25.40 -18.34
CA VAL B 318 -6.97 -24.66 -18.98
C VAL B 318 -7.62 -25.58 -20.00
N LEU B 319 -8.91 -25.83 -19.84
CA LEU B 319 -9.63 -26.75 -20.71
C LEU B 319 -10.14 -26.04 -21.97
N PRO B 320 -9.57 -26.34 -23.16
CA PRO B 320 -9.97 -25.67 -24.41
C PRO B 320 -11.44 -25.86 -24.78
N SER B 321 -11.99 -24.86 -25.49
CA SER B 321 -13.31 -24.95 -26.08
C SER B 321 -13.26 -25.80 -27.36
N PRO B 322 -14.40 -26.39 -27.81
CA PRO B 322 -15.68 -26.32 -27.08
C PRO B 322 -15.66 -27.24 -25.87
N PHE B 323 -16.45 -26.85 -24.86
CA PHE B 323 -16.61 -27.66 -23.67
C PHE B 323 -17.14 -29.04 -24.05
N GLU B 324 -16.55 -30.08 -23.47
CA GLU B 324 -17.14 -31.41 -23.49
C GLU B 324 -17.01 -31.96 -22.08
N GLN B 325 -18.14 -32.44 -21.53
CA GLN B 325 -18.15 -32.90 -20.15
C GLN B 325 -17.04 -33.93 -19.96
N ASP B 326 -16.88 -34.80 -20.97
CA ASP B 326 -16.02 -35.96 -20.90
C ASP B 326 -14.56 -35.54 -20.74
N SER B 327 -14.15 -34.50 -21.48
CA SER B 327 -12.82 -33.94 -21.33
C SER B 327 -12.61 -33.39 -19.91
N LEU B 328 -13.60 -32.67 -19.39
CA LEU B 328 -13.45 -32.14 -18.04
C LEU B 328 -13.22 -33.28 -17.05
N ASN B 329 -14.01 -34.34 -17.19
CA ASN B 329 -13.92 -35.49 -16.31
C ASN B 329 -12.47 -35.99 -16.27
N ARG B 330 -11.99 -36.36 -17.46
CA ARG B 330 -10.63 -36.83 -17.67
C ARG B 330 -9.64 -35.86 -17.03
N LEU B 331 -9.66 -34.58 -17.43
CA LEU B 331 -8.72 -33.61 -16.90
C LEU B 331 -8.77 -33.57 -15.35
N LEU B 332 -9.97 -33.59 -14.74
CA LEU B 332 -10.01 -33.49 -13.28
C LEU B 332 -9.35 -34.74 -12.69
N ALA B 333 -9.71 -35.93 -13.18
CA ALA B 333 -9.14 -37.16 -12.66
C ALA B 333 -7.63 -37.10 -12.76
N GLU B 334 -7.11 -36.61 -13.89
CA GLU B 334 -5.68 -36.61 -14.14
C GLU B 334 -4.94 -35.61 -13.26
N MET B 335 -5.54 -34.46 -12.97
CA MET B 335 -4.91 -33.50 -12.09
C MET B 335 -4.84 -34.03 -10.66
N LEU B 336 -5.88 -34.77 -10.26
CA LEU B 336 -5.97 -35.28 -8.92
C LEU B 336 -5.09 -36.53 -8.72
N GLU B 337 -4.97 -37.43 -9.71
CA GLU B 337 -4.04 -38.56 -9.65
C GLU B 337 -2.58 -38.11 -9.53
N ASP B 338 -2.27 -36.93 -10.06
CA ASP B 338 -0.89 -36.52 -10.23
C ASP B 338 -0.50 -35.52 -9.14
N ALA B 339 -0.10 -36.05 -7.98
CA ALA B 339 0.33 -35.28 -6.83
C ALA B 339 1.63 -34.51 -7.12
N PRO B 340 2.60 -35.11 -7.82
CA PRO B 340 3.74 -34.33 -8.31
C PRO B 340 3.31 -33.10 -9.11
N ALA B 341 2.51 -33.29 -10.16
CA ALA B 341 2.07 -32.19 -11.00
C ALA B 341 1.42 -31.07 -10.18
N ARG B 342 0.62 -31.46 -9.18
CA ARG B 342 -0.07 -30.50 -8.34
C ARG B 342 0.94 -29.69 -7.54
N ALA B 343 1.98 -30.33 -6.99
CA ALA B 343 2.98 -29.61 -6.21
C ALA B 343 3.67 -28.59 -7.11
N ALA B 344 3.93 -28.95 -8.38
CA ALA B 344 4.67 -28.05 -9.29
C ALA B 344 3.85 -26.79 -9.56
N TRP B 345 2.56 -27.00 -9.84
CA TRP B 345 1.59 -25.95 -10.16
C TRP B 345 1.35 -25.00 -8.99
N SER B 346 1.45 -25.49 -7.75
N SER B 346 1.42 -25.52 -7.75
CA SER B 346 1.38 -24.65 -6.56
CA SER B 346 1.41 -24.68 -6.55
C SER B 346 2.61 -23.73 -6.49
C SER B 346 2.61 -23.73 -6.59
N ARG B 347 3.81 -24.32 -6.64
CA ARG B 347 5.07 -23.56 -6.63
C ARG B 347 5.17 -22.61 -7.82
N ASN B 348 4.73 -23.07 -8.99
CA ASN B 348 4.68 -22.25 -10.21
C ASN B 348 3.82 -20.99 -9.99
N GLY B 349 2.67 -21.18 -9.38
CA GLY B 349 1.78 -20.08 -9.08
C GLY B 349 2.39 -19.06 -8.14
N LEU B 350 2.94 -19.54 -7.01
CA LEU B 350 3.58 -18.72 -5.99
C LEU B 350 4.74 -17.91 -6.57
N ALA B 351 5.60 -18.54 -7.39
CA ALA B 351 6.74 -17.84 -7.98
C ALA B 351 6.24 -16.73 -8.89
N TYR B 352 5.29 -17.06 -9.79
CA TYR B 352 4.67 -16.09 -10.68
C TYR B 352 4.08 -14.90 -9.92
N ALA B 353 3.38 -15.19 -8.80
CA ALA B 353 2.85 -14.17 -7.90
C ALA B 353 3.93 -13.19 -7.43
N ASP B 354 5.20 -13.63 -7.41
CA ASP B 354 6.32 -12.83 -6.93
C ASP B 354 6.87 -11.96 -8.07
N HIS B 355 6.54 -12.28 -9.32
CA HIS B 355 6.97 -11.49 -10.47
C HIS B 355 5.86 -10.50 -10.79
N ALA B 356 4.72 -11.06 -11.22
CA ALA B 356 3.79 -10.35 -12.09
C ALA B 356 3.10 -9.21 -11.33
N ASP B 357 2.76 -8.14 -12.06
CA ASP B 357 1.92 -7.08 -11.52
C ASP B 357 0.44 -7.51 -11.56
N LEU B 358 -0.06 -8.00 -10.42
CA LEU B 358 -1.40 -8.56 -10.34
C LEU B 358 -2.22 -7.79 -9.31
N TYR B 359 -1.68 -6.66 -8.80
CA TYR B 359 -2.13 -6.04 -7.56
C TYR B 359 -2.58 -4.58 -7.78
N SER B 360 -2.00 -3.92 -8.78
CA SER B 360 -1.91 -2.46 -8.78
C SER B 360 -3.10 -1.77 -9.46
N MET B 361 -4.14 -2.54 -9.82
CA MET B 361 -5.25 -2.01 -10.62
C MET B 361 -5.82 -0.77 -9.96
N PRO B 362 -6.03 -0.73 -8.62
CA PRO B 362 -6.74 0.40 -8.02
C PRO B 362 -5.99 1.73 -8.19
N GLN B 363 -4.66 1.72 -7.99
CA GLN B 363 -3.87 2.94 -8.14
C GLN B 363 -3.92 3.40 -9.59
N ARG B 364 -3.87 2.44 -10.54
CA ARG B 364 -3.83 2.79 -11.97
C ARG B 364 -5.20 3.27 -12.41
N ALA B 365 -6.23 2.72 -11.77
CA ALA B 365 -7.58 3.12 -12.04
C ALA B 365 -7.78 4.53 -11.48
N ALA B 366 -7.21 4.81 -10.30
CA ALA B 366 -7.30 6.14 -9.72
C ALA B 366 -6.60 7.15 -10.62
N ASP B 367 -5.44 6.77 -11.15
CA ASP B 367 -4.68 7.69 -11.98
C ASP B 367 -5.56 8.21 -13.12
N LEU B 368 -6.27 7.30 -13.80
CA LEU B 368 -6.98 7.61 -15.04
C LEU B 368 -8.23 8.41 -14.77
N ILE B 369 -8.85 8.16 -13.61
CA ILE B 369 -10.04 8.87 -13.23
C ILE B 369 -9.67 10.32 -12.89
N LEU B 370 -8.46 10.51 -12.35
CA LEU B 370 -8.08 11.79 -11.76
C LEU B 370 -7.22 12.61 -12.71
N GLY B 371 -6.49 11.94 -13.62
CA GLY B 371 -5.55 12.59 -14.52
C GLY B 371 -4.15 12.67 -13.92
#